data_9BQI
#
_entry.id   9BQI
#
_cell.length_a   1.00
_cell.length_b   1.00
_cell.length_c   1.00
_cell.angle_alpha   90.00
_cell.angle_beta   90.00
_cell.angle_gamma   90.00
#
_symmetry.space_group_name_H-M   'P 1'
#
loop_
_entity.id
_entity.type
_entity.pdbx_description
1 polymer 'P2X purinoceptor 4'
2 branched 2-acetamido-2-deoxy-beta-D-glucopyranose-(1-4)-2-acetamido-2-deoxy-beta-D-glucopyranose
3 branched beta-D-mannopyranose-(1-4)-2-acetamido-2-deoxy-beta-D-glucopyranose-(1-4)-2-acetamido-2-deoxy-beta-D-glucopyranose
4 non-polymer 2-acetamido-2-deoxy-beta-D-glucopyranose
5 non-polymer N-[4-(3-chloranylphenoxy)-3-sulfamoyl-phenyl]-2-phenyl-ethanamide
6 non-polymer DODECYL-BETA-D-MALTOSIDE
7 water water
#
_entity_poly.entity_id   1
_entity_poly.type   'polypeptide(L)'
_entity_poly.pdbx_seq_one_letter_code
;MAGCCAALAAFLFEYDTPRIVLIRSRKVGLMNRAVQLLILAYVIGWVFVWEKGYQETDSVVSSVTTKVKGVAVTNTSKLG
FRIWDVADYVIPAQEENSLFVMTNVILTMNQTQGLCPEIPDATTVCKSDASCTAGSAGTHSNGVSTGRCVAFNGSVKTCE
VAAWCPVEDDTHVPQPAFLKAAENFTLLVKNNIWYPKFNFSKRNILPNITTTYLKSCIYDAKTDPFCPIFRLGKIVENAG
HSFQDMAVEGGIMGIQVNWDCNLDRAASLCLPRYSFRRLDTRDVEHNVSPGYNFRFAKYYRDLAGNEQRTLIKAYGIRFD
IIVFGKAGKFDIIPTMINIGSGLALLGMATVLCDIIVLYCMKKRLYYREKKYKYVEDYEQGLASELDQ
;
_entity_poly.pdbx_strand_id   A,C,B
#
# COMPACT_ATOMS: atom_id res chain seq x y z
N GLY A 3 14.94 -3.12 -64.08
CA GLY A 3 16.21 -2.97 -63.40
C GLY A 3 16.05 -2.69 -61.91
N CYS A 4 16.39 -3.69 -61.10
CA CYS A 4 16.28 -3.53 -59.65
C CYS A 4 17.21 -2.42 -59.15
N CYS A 5 18.44 -2.38 -59.66
CA CYS A 5 19.38 -1.35 -59.21
C CYS A 5 18.88 0.04 -59.59
N ALA A 6 18.36 0.20 -60.80
CA ALA A 6 17.84 1.50 -61.22
C ALA A 6 16.66 1.92 -60.37
N ALA A 7 15.76 0.97 -60.07
CA ALA A 7 14.62 1.30 -59.20
C ALA A 7 15.08 1.71 -57.81
N LEU A 8 16.06 1.00 -57.25
CA LEU A 8 16.58 1.36 -55.94
C LEU A 8 17.21 2.74 -55.96
N ALA A 9 17.98 3.05 -57.00
CA ALA A 9 18.58 4.37 -57.12
C ALA A 9 17.51 5.45 -57.20
N ALA A 10 16.48 5.22 -58.02
CA ALA A 10 15.40 6.20 -58.13
C ALA A 10 14.71 6.40 -56.79
N PHE A 11 14.47 5.32 -56.06
CA PHE A 11 13.82 5.42 -54.76
C PHE A 11 14.70 6.20 -53.79
N LEU A 12 16.02 5.99 -53.83
CA LEU A 12 16.93 6.66 -52.91
C LEU A 12 17.33 8.06 -53.37
N PHE A 13 17.29 8.34 -54.67
CA PHE A 13 17.83 9.58 -55.21
C PHE A 13 16.76 10.50 -55.79
N GLU A 14 15.50 10.32 -55.37
CA GLU A 14 14.40 11.18 -55.81
C GLU A 14 13.59 11.64 -54.61
N TYR A 15 13.22 12.92 -54.61
CA TYR A 15 12.46 13.52 -53.53
C TYR A 15 11.03 13.76 -54.00
N ASP A 16 10.06 13.35 -53.18
CA ASP A 16 8.65 13.45 -53.52
C ASP A 16 7.98 14.41 -52.55
N THR A 17 7.31 15.43 -53.09
CA THR A 17 6.61 16.41 -52.28
C THR A 17 5.24 16.69 -52.89
N PRO A 18 4.23 16.96 -52.05
CA PRO A 18 2.89 17.18 -52.59
C PRO A 18 2.78 18.49 -53.37
N ARG A 19 1.84 18.52 -54.30
CA ARG A 19 1.54 19.71 -55.09
C ARG A 19 0.49 20.53 -54.35
N ILE A 20 0.76 21.82 -54.18
CA ILE A 20 -0.07 22.68 -53.34
C ILE A 20 -0.76 23.71 -54.22
N VAL A 21 -1.92 24.18 -53.75
CA VAL A 21 -2.69 25.22 -54.43
C VAL A 21 -2.81 26.39 -53.46
N LEU A 22 -2.39 27.57 -53.92
CA LEU A 22 -2.40 28.78 -53.12
C LEU A 22 -3.60 29.63 -53.51
N ILE A 23 -4.46 29.92 -52.53
CA ILE A 23 -5.65 30.73 -52.73
C ILE A 23 -5.50 32.03 -51.94
N ARG A 24 -5.63 33.16 -52.62
CA ARG A 24 -5.56 34.46 -51.97
C ARG A 24 -6.92 34.81 -51.40
N SER A 25 -7.09 34.57 -50.11
CA SER A 25 -8.35 34.88 -49.42
C SER A 25 -8.01 35.35 -48.01
N ARG A 26 -8.34 36.60 -47.71
CA ARG A 26 -8.00 37.15 -46.40
C ARG A 26 -8.70 36.40 -45.27
N LYS A 27 -10.01 36.22 -45.39
CA LYS A 27 -10.77 35.59 -44.31
C LYS A 27 -10.29 34.17 -44.07
N VAL A 28 -10.15 33.38 -45.14
CA VAL A 28 -9.76 31.98 -44.99
C VAL A 28 -8.34 31.88 -44.45
N GLY A 29 -7.42 32.69 -44.98
CA GLY A 29 -6.06 32.65 -44.47
C GLY A 29 -5.97 32.99 -43.00
N LEU A 30 -6.66 34.06 -42.60
CA LEU A 30 -6.66 34.46 -41.19
C LEU A 30 -7.29 33.38 -40.32
N MET A 31 -8.38 32.78 -40.79
CA MET A 31 -9.03 31.73 -40.01
C MET A 31 -8.11 30.52 -39.86
N ASN A 32 -7.43 30.13 -40.94
CA ASN A 32 -6.50 29.01 -40.87
C ASN A 32 -5.39 29.29 -39.88
N ARG A 33 -4.80 30.48 -39.96
CA ARG A 33 -3.72 30.82 -39.02
C ARG A 33 -4.23 30.88 -37.59
N ALA A 34 -5.45 31.38 -37.38
CA ALA A 34 -6.01 31.42 -36.04
C ALA A 34 -6.22 30.03 -35.47
N VAL A 35 -6.77 29.12 -36.28
CA VAL A 35 -6.98 27.75 -35.80
C VAL A 35 -5.65 27.09 -35.49
N GLN A 36 -4.66 27.27 -36.37
CA GLN A 36 -3.34 26.69 -36.14
C GLN A 36 -2.71 27.27 -34.87
N LEU A 37 -2.88 28.57 -34.64
CA LEU A 37 -2.34 29.20 -33.44
C LEU A 37 -3.01 28.65 -32.19
N LEU A 38 -4.34 28.46 -32.24
CA LEU A 38 -5.04 27.88 -31.09
C LEU A 38 -4.54 26.46 -30.82
N ILE A 39 -4.36 25.66 -31.87
CA ILE A 39 -3.89 24.29 -31.69
C ILE A 39 -2.49 24.27 -31.09
N LEU A 40 -1.61 25.14 -31.61
CA LEU A 40 -0.25 25.20 -31.07
C LEU A 40 -0.24 25.69 -29.63
N ALA A 41 -1.07 26.68 -29.31
CA ALA A 41 -1.15 27.16 -27.94
C ALA A 41 -1.61 26.05 -27.00
N TYR A 42 -2.63 25.30 -27.41
CA TYR A 42 -3.03 24.12 -26.63
C TYR A 42 -1.83 23.20 -26.43
N VAL A 43 -1.26 22.72 -27.53
CA VAL A 43 -0.25 21.67 -27.45
C VAL A 43 0.94 22.10 -26.60
N ILE A 44 1.34 23.36 -26.70
CA ILE A 44 2.49 23.82 -25.93
C ILE A 44 2.07 24.10 -24.49
N GLY A 45 1.21 25.10 -24.29
CA GLY A 45 0.89 25.54 -22.94
C GLY A 45 0.26 24.44 -22.11
N TRP A 46 -0.87 23.90 -22.56
CA TRP A 46 -1.63 23.00 -21.70
C TRP A 46 -0.94 21.66 -21.54
N VAL A 47 -0.39 21.10 -22.63
CA VAL A 47 0.15 19.75 -22.57
C VAL A 47 1.57 19.77 -22.02
N PHE A 48 2.42 20.66 -22.53
CA PHE A 48 3.83 20.64 -22.13
C PHE A 48 4.10 21.54 -20.93
N VAL A 49 3.78 22.83 -21.06
CA VAL A 49 4.13 23.77 -20.00
C VAL A 49 3.28 23.56 -18.76
N TRP A 50 1.98 23.37 -18.93
CA TRP A 50 1.05 23.33 -17.80
C TRP A 50 0.94 21.93 -17.21
N GLU A 51 0.60 20.94 -18.03
CA GLU A 51 0.34 19.59 -17.55
C GLU A 51 1.57 18.70 -17.55
N LYS A 52 2.73 19.21 -17.96
CA LYS A 52 3.98 18.46 -17.96
C LYS A 52 3.82 17.15 -18.73
N GLY A 53 3.54 17.29 -20.03
CA GLY A 53 3.35 16.17 -20.92
C GLY A 53 4.62 15.53 -21.43
N TYR A 54 5.77 16.02 -20.98
CA TYR A 54 7.07 15.53 -21.41
C TYR A 54 7.74 14.66 -20.35
N GLN A 55 6.98 14.13 -19.39
CA GLN A 55 7.53 13.50 -18.22
C GLN A 55 6.96 12.11 -18.02
N GLU A 56 7.77 11.23 -17.43
CA GLU A 56 7.34 9.94 -16.95
C GLU A 56 7.16 9.99 -15.43
N THR A 57 6.14 9.30 -14.94
CA THR A 57 5.73 9.39 -13.54
C THR A 57 5.97 8.07 -12.82
N ASP A 58 6.36 8.17 -11.55
CA ASP A 58 6.59 7.01 -10.70
C ASP A 58 5.95 7.25 -9.34
N SER A 59 5.40 6.19 -8.75
CA SER A 59 4.80 6.26 -7.43
C SER A 59 5.87 6.05 -6.35
N VAL A 60 5.53 6.46 -5.13
CA VAL A 60 6.47 6.52 -4.02
C VAL A 60 6.35 5.27 -3.18
N VAL A 61 7.48 4.85 -2.62
CA VAL A 61 7.55 3.76 -1.64
C VAL A 61 8.05 4.34 -0.33
N SER A 62 7.26 4.20 0.73
CA SER A 62 7.48 4.91 1.98
C SER A 62 7.64 3.95 3.14
N SER A 63 8.41 4.38 4.14
CA SER A 63 8.50 3.71 5.44
C SER A 63 8.36 4.77 6.52
N VAL A 64 7.52 4.51 7.51
CA VAL A 64 7.15 5.49 8.52
C VAL A 64 7.51 4.96 9.90
N THR A 65 8.00 5.85 10.75
CA THR A 65 8.30 5.55 12.14
C THR A 65 7.71 6.64 13.02
N THR A 66 6.95 6.26 14.04
CA THR A 66 6.25 7.20 14.90
C THR A 66 6.71 7.03 16.35
N LYS A 67 6.74 8.15 17.08
CA LYS A 67 7.11 8.16 18.52
C LYS A 67 6.23 9.19 19.20
N VAL A 68 5.79 8.96 20.43
CA VAL A 68 4.95 9.89 21.18
C VAL A 68 5.64 10.26 22.48
N LYS A 69 5.39 11.47 22.94
CA LYS A 69 5.94 11.98 24.19
C LYS A 69 4.84 12.68 24.98
N GLY A 70 4.92 12.57 26.29
CA GLY A 70 3.99 13.23 27.19
C GLY A 70 3.61 12.31 28.33
N VAL A 71 3.34 12.90 29.49
CA VAL A 71 2.95 12.16 30.68
C VAL A 71 1.73 12.85 31.29
N ALA A 72 0.72 12.06 31.64
CA ALA A 72 -0.54 12.55 32.16
C ALA A 72 -0.75 12.09 33.60
N VAL A 73 -1.47 12.88 34.37
CA VAL A 73 -1.73 12.61 35.78
C VAL A 73 -3.24 12.63 36.00
N THR A 74 -3.76 11.60 36.66
CA THR A 74 -5.18 11.53 37.00
C THR A 74 -5.33 11.06 38.44
N ASN A 75 -6.34 11.60 39.13
CA ASN A 75 -6.70 11.20 40.48
C ASN A 75 -8.21 11.04 40.52
N THR A 76 -8.68 9.83 40.21
CA THR A 76 -10.09 9.50 40.24
C THR A 76 -10.38 8.57 41.41
N SER A 77 -11.67 8.35 41.66
CA SER A 77 -12.08 7.53 42.81
C SER A 77 -11.89 6.05 42.53
N LYS A 78 -12.37 5.58 41.38
CA LYS A 78 -12.35 4.15 41.09
C LYS A 78 -10.92 3.61 41.01
N LEU A 79 -10.02 4.36 40.38
CA LEU A 79 -8.68 3.87 40.10
C LEU A 79 -7.58 4.58 40.85
N GLY A 80 -7.86 5.75 41.44
CA GLY A 80 -6.91 6.42 42.29
C GLY A 80 -5.86 7.22 41.52
N PHE A 81 -4.94 7.80 42.28
CA PHE A 81 -3.83 8.52 41.69
C PHE A 81 -3.01 7.62 40.78
N ARG A 82 -2.70 8.12 39.58
CA ARG A 82 -1.95 7.35 38.62
C ARG A 82 -1.16 8.27 37.71
N ILE A 83 -0.18 7.68 37.05
CA ILE A 83 0.68 8.35 36.09
C ILE A 83 0.61 7.56 34.80
N TRP A 84 0.48 8.26 33.68
CA TRP A 84 0.36 7.64 32.36
C TRP A 84 1.51 8.12 31.50
N ASP A 85 2.51 7.26 31.32
CA ASP A 85 3.62 7.50 30.42
C ASP A 85 3.37 6.76 29.12
N VAL A 86 4.33 6.88 28.18
CA VAL A 86 4.11 6.37 26.84
C VAL A 86 3.83 4.87 26.86
N ALA A 87 4.43 4.14 27.80
CA ALA A 87 4.25 2.70 27.88
C ALA A 87 2.85 2.30 28.33
N ASP A 88 2.03 3.25 28.77
CA ASP A 88 0.68 2.98 29.25
C ASP A 88 -0.39 3.30 28.21
N TYR A 89 -0.39 4.50 27.65
CA TYR A 89 -1.52 4.98 26.84
C TYR A 89 -1.37 4.69 25.36
N VAL A 90 -0.26 4.11 24.91
CA VAL A 90 -0.09 3.68 23.53
C VAL A 90 -0.26 2.17 23.52
N ILE A 91 -1.36 1.69 22.93
CA ILE A 91 -1.69 0.28 22.92
C ILE A 91 -1.87 -0.20 21.48
N PRO A 92 -0.99 -1.05 20.94
CA PRO A 92 0.27 -1.58 21.48
C PRO A 92 1.44 -0.63 21.29
N ALA A 93 2.60 -0.98 21.85
CA ALA A 93 3.73 -0.07 21.84
C ALA A 93 4.15 0.33 20.43
N GLN A 94 3.96 -0.55 19.46
CA GLN A 94 4.41 -0.29 18.10
C GLN A 94 3.38 -0.81 17.10
N GLU A 95 3.10 0.00 16.08
CA GLU A 95 2.21 -0.35 14.98
C GLU A 95 2.90 0.03 13.68
N GLU A 96 2.19 -0.18 12.56
CA GLU A 96 2.71 0.12 11.23
C GLU A 96 1.88 1.24 10.63
N ASN A 97 2.55 2.34 10.25
CA ASN A 97 1.88 3.51 9.68
C ASN A 97 0.66 3.92 10.50
N SER A 98 0.66 3.61 11.79
CA SER A 98 -0.50 3.89 12.63
C SER A 98 -0.06 3.99 14.07
N LEU A 99 -0.92 4.59 14.88
CA LEU A 99 -0.62 4.80 16.30
C LEU A 99 -1.93 5.11 17.02
N PHE A 100 -2.21 4.37 18.08
CA PHE A 100 -3.41 4.57 18.88
C PHE A 100 -3.01 5.14 20.23
N VAL A 101 -3.62 6.27 20.58
CA VAL A 101 -3.46 6.89 21.90
C VAL A 101 -4.79 6.78 22.62
N MET A 102 -4.77 6.16 23.80
CA MET A 102 -5.99 5.95 24.57
C MET A 102 -6.35 7.22 25.32
N THR A 103 -7.59 7.68 25.15
CA THR A 103 -8.06 8.91 25.77
C THR A 103 -9.20 8.70 26.76
N ASN A 104 -9.88 7.57 26.72
CA ASN A 104 -10.96 7.27 27.65
C ASN A 104 -11.05 5.76 27.80
N VAL A 105 -11.54 5.30 28.96
CA VAL A 105 -11.47 3.90 29.30
C VAL A 105 -12.65 3.52 30.18
N ILE A 106 -13.08 2.26 30.04
CA ILE A 106 -13.98 1.60 30.98
C ILE A 106 -13.28 0.33 31.46
N LEU A 107 -13.26 0.13 32.77
CA LEU A 107 -12.50 -0.96 33.39
C LEU A 107 -13.45 -1.93 34.09
N THR A 108 -13.24 -3.22 33.88
CA THR A 108 -13.91 -4.29 34.62
C THR A 108 -12.83 -5.20 35.18
N MET A 109 -12.58 -5.08 36.47
CA MET A 109 -11.45 -5.80 37.10
C MET A 109 -11.91 -7.01 37.89
N ASN A 110 -11.04 -8.00 38.04
CA ASN A 110 -11.25 -9.20 38.84
C ASN A 110 -12.39 -10.06 38.28
N GLN A 111 -12.33 -10.33 36.98
CA GLN A 111 -13.35 -11.13 36.33
C GLN A 111 -13.02 -12.62 36.41
N THR A 112 -14.05 -13.44 36.52
CA THR A 112 -13.90 -14.89 36.58
C THR A 112 -14.96 -15.56 35.70
N GLN A 113 -14.62 -16.76 35.23
CA GLN A 113 -15.60 -17.57 34.52
C GLN A 113 -16.66 -18.07 35.50
N GLY A 114 -17.92 -18.03 35.07
CA GLY A 114 -18.99 -18.47 35.93
C GLY A 114 -20.33 -17.98 35.41
N LEU A 115 -21.32 -18.05 36.29
CA LEU A 115 -22.69 -17.65 35.98
C LEU A 115 -23.01 -16.36 36.74
N CYS A 116 -23.60 -15.40 36.04
CA CYS A 116 -23.91 -14.11 36.64
C CYS A 116 -25.04 -13.47 35.86
N PRO A 117 -25.77 -12.54 36.49
CA PRO A 117 -26.85 -11.84 35.77
C PRO A 117 -26.31 -10.90 34.71
N GLU A 118 -27.15 -10.66 33.70
CA GLU A 118 -26.85 -9.66 32.70
C GLU A 118 -27.13 -8.26 33.24
N ILE A 119 -26.59 -7.25 32.56
CA ILE A 119 -26.85 -5.87 32.95
C ILE A 119 -28.32 -5.54 32.68
N PRO A 120 -29.02 -4.91 33.60
CA PRO A 120 -30.45 -4.63 33.37
C PRO A 120 -30.67 -3.78 32.13
N ASP A 121 -31.74 -4.12 31.40
CA ASP A 121 -32.15 -3.37 30.21
C ASP A 121 -33.47 -3.98 29.75
N ALA A 122 -34.03 -3.40 28.69
CA ALA A 122 -35.30 -3.89 28.17
C ALA A 122 -35.20 -5.34 27.72
N THR A 123 -34.12 -5.68 27.02
CA THR A 123 -33.98 -7.03 26.48
C THR A 123 -33.68 -8.05 27.58
N THR A 124 -32.76 -7.73 28.49
CA THR A 124 -32.32 -8.70 29.47
C THR A 124 -33.33 -8.91 30.60
N VAL A 125 -34.07 -7.87 30.97
CA VAL A 125 -35.01 -8.00 32.08
C VAL A 125 -36.04 -9.07 31.74
N CYS A 126 -36.29 -9.95 32.70
CA CYS A 126 -37.18 -11.08 32.52
C CYS A 126 -38.01 -11.27 33.79
N LYS A 127 -39.07 -12.07 33.66
CA LYS A 127 -39.97 -12.34 34.78
C LYS A 127 -40.33 -13.82 34.79
N SER A 128 -40.29 -14.41 35.99
CA SER A 128 -40.75 -15.78 36.22
C SER A 128 -39.97 -16.81 35.42
N ASP A 129 -38.77 -16.46 34.94
CA ASP A 129 -37.91 -17.40 34.22
C ASP A 129 -38.65 -18.02 33.04
N ALA A 130 -39.29 -17.17 32.25
CA ALA A 130 -40.08 -17.61 31.11
C ALA A 130 -39.54 -17.10 29.79
N SER A 131 -39.24 -15.81 29.69
CA SER A 131 -38.75 -15.24 28.44
C SER A 131 -37.30 -15.63 28.15
N CYS A 132 -36.57 -16.13 29.14
CA CYS A 132 -35.19 -16.52 28.92
C CYS A 132 -35.13 -17.78 28.07
N THR A 133 -34.23 -17.79 27.09
CA THR A 133 -34.00 -18.94 26.22
C THR A 133 -32.55 -19.38 26.37
N ALA A 134 -32.36 -20.68 26.66
CA ALA A 134 -31.03 -21.21 26.87
C ALA A 134 -30.26 -21.30 25.56
N GLY A 135 -28.97 -20.98 25.61
CA GLY A 135 -28.08 -21.11 24.47
C GLY A 135 -28.00 -19.89 23.59
N SER A 136 -28.81 -18.86 23.84
CA SER A 136 -28.80 -17.67 22.99
C SER A 136 -27.68 -16.73 23.42
N ALA A 137 -26.81 -16.38 22.47
CA ALA A 137 -25.70 -15.48 22.77
C ALA A 137 -26.23 -14.10 23.16
N GLY A 138 -27.24 -13.60 22.46
CA GLY A 138 -27.80 -12.30 22.74
C GLY A 138 -27.09 -11.17 22.01
N THR A 139 -27.64 -9.97 22.17
CA THR A 139 -27.07 -8.80 21.50
C THR A 139 -25.65 -8.52 22.01
N HIS A 140 -25.45 -8.64 23.32
CA HIS A 140 -24.15 -8.29 23.90
C HIS A 140 -23.04 -9.17 23.36
N SER A 141 -23.34 -10.44 23.05
CA SER A 141 -22.34 -11.42 22.64
C SER A 141 -21.23 -11.55 23.68
N ASN A 142 -21.56 -11.25 24.94
CA ASN A 142 -20.61 -11.39 26.04
C ASN A 142 -20.77 -12.68 26.80
N GLY A 143 -21.88 -13.39 26.62
CA GLY A 143 -22.10 -14.65 27.31
C GLY A 143 -23.18 -15.45 26.61
N VAL A 144 -23.34 -16.70 27.05
CA VAL A 144 -24.35 -17.60 26.53
C VAL A 144 -25.43 -17.79 27.60
N SER A 145 -26.67 -17.48 27.24
CA SER A 145 -27.76 -17.55 28.20
C SER A 145 -27.99 -18.99 28.66
N THR A 146 -28.30 -19.15 29.94
CA THR A 146 -28.60 -20.46 30.51
C THR A 146 -30.09 -20.73 30.62
N GLY A 147 -30.93 -19.71 30.57
CA GLY A 147 -32.37 -19.89 30.68
C GLY A 147 -32.91 -19.87 32.08
N ARG A 148 -32.15 -19.34 33.05
CA ARG A 148 -32.57 -19.28 34.44
C ARG A 148 -32.59 -17.81 34.88
N CYS A 149 -33.77 -17.29 35.17
CA CYS A 149 -33.87 -15.94 35.70
C CYS A 149 -33.18 -15.84 37.05
N VAL A 150 -32.36 -14.80 37.22
CA VAL A 150 -31.63 -14.55 38.44
C VAL A 150 -31.70 -13.07 38.76
N ALA A 151 -31.45 -12.73 40.03
CA ALA A 151 -31.61 -11.36 40.49
C ALA A 151 -30.33 -10.57 40.31
N PHE A 152 -30.42 -9.44 39.60
CA PHE A 152 -29.29 -8.51 39.51
C PHE A 152 -29.11 -7.75 40.81
N ASN A 153 -30.21 -7.32 41.44
CA ASN A 153 -30.17 -6.64 42.71
C ASN A 153 -31.52 -6.84 43.38
N GLY A 154 -31.74 -6.15 44.50
CA GLY A 154 -33.00 -6.27 45.22
C GLY A 154 -34.19 -5.73 44.45
N SER A 155 -33.95 -4.92 43.41
CA SER A 155 -35.03 -4.27 42.67
C SER A 155 -35.43 -5.06 41.44
N VAL A 156 -34.49 -5.31 40.53
CA VAL A 156 -34.79 -5.89 39.22
C VAL A 156 -34.13 -7.26 39.11
N LYS A 157 -34.66 -8.06 38.18
CA LYS A 157 -34.15 -9.38 37.89
C LYS A 157 -33.85 -9.49 36.39
N THR A 158 -32.75 -10.15 36.06
CA THR A 158 -32.31 -10.25 34.68
C THR A 158 -31.94 -11.71 34.35
N CYS A 159 -31.88 -12.00 33.06
CA CYS A 159 -31.54 -13.35 32.62
C CYS A 159 -30.08 -13.66 32.94
N GLU A 160 -29.82 -14.92 33.26
CA GLU A 160 -28.48 -15.39 33.60
C GLU A 160 -27.71 -15.79 32.35
N VAL A 161 -26.40 -15.54 32.38
CA VAL A 161 -25.51 -15.93 31.30
C VAL A 161 -24.27 -16.59 31.88
N ALA A 162 -23.61 -17.40 31.07
CA ALA A 162 -22.30 -17.95 31.39
C ALA A 162 -21.26 -17.13 30.65
N ALA A 163 -20.45 -16.38 31.41
CA ALA A 163 -19.49 -15.46 30.82
C ALA A 163 -18.39 -15.19 31.85
N TRP A 164 -17.48 -14.29 31.50
CA TRP A 164 -16.60 -13.69 32.49
C TRP A 164 -17.43 -12.74 33.35
N CYS A 165 -17.32 -12.88 34.67
CA CYS A 165 -18.23 -12.19 35.56
C CYS A 165 -17.45 -11.41 36.62
N PRO A 166 -17.92 -10.22 37.01
CA PRO A 166 -19.15 -9.56 36.55
C PRO A 166 -19.05 -8.99 35.13
N VAL A 167 -20.18 -8.91 34.43
CA VAL A 167 -20.16 -8.47 33.04
C VAL A 167 -19.85 -6.98 32.97
N GLU A 168 -19.34 -6.56 31.81
CA GLU A 168 -18.98 -5.17 31.60
C GLU A 168 -20.23 -4.31 31.44
N ASP A 169 -20.22 -3.14 32.07
CA ASP A 169 -21.29 -2.15 31.96
C ASP A 169 -20.73 -0.96 31.20
N ASP A 170 -20.92 -0.95 29.88
CA ASP A 170 -20.37 0.06 28.99
C ASP A 170 -21.43 1.06 28.54
N THR A 171 -22.36 1.41 29.43
CA THR A 171 -23.43 2.33 29.09
C THR A 171 -23.11 3.79 29.41
N HIS A 172 -22.27 4.04 30.40
CA HIS A 172 -21.94 5.39 30.85
C HIS A 172 -20.48 5.67 30.53
N VAL A 173 -20.24 6.27 29.36
CA VAL A 173 -18.88 6.66 28.98
C VAL A 173 -18.47 7.90 29.78
N PRO A 174 -17.31 7.89 30.44
CA PRO A 174 -16.92 9.06 31.24
C PRO A 174 -16.85 10.32 30.40
N GLN A 175 -17.24 11.43 31.01
CA GLN A 175 -17.25 12.74 30.35
C GLN A 175 -16.94 13.83 31.37
N PRO A 176 -15.88 14.62 31.19
CA PRO A 176 -14.93 14.66 30.08
C PRO A 176 -14.02 13.44 30.01
N ALA A 177 -13.31 13.29 28.89
CA ALA A 177 -12.46 12.12 28.69
C ALA A 177 -11.53 11.91 29.87
N PHE A 178 -11.04 10.69 30.00
CA PHE A 178 -10.23 10.32 31.15
C PHE A 178 -8.80 10.84 31.01
N LEU A 179 -8.18 10.60 29.85
CA LEU A 179 -6.90 11.23 29.50
C LEU A 179 -7.19 12.42 28.58
N LYS A 180 -7.69 13.49 29.17
CA LYS A 180 -7.91 14.72 28.43
C LYS A 180 -6.64 15.55 28.29
N ALA A 181 -5.57 15.21 29.01
CA ALA A 181 -4.29 15.86 28.85
C ALA A 181 -3.52 15.36 27.64
N ALA A 182 -4.01 14.32 26.97
CA ALA A 182 -3.39 13.82 25.75
C ALA A 182 -3.47 14.88 24.67
N GLU A 183 -4.33 15.88 24.87
CA GLU A 183 -4.36 17.03 23.98
C GLU A 183 -2.97 17.61 23.75
N ASN A 184 -2.10 17.52 24.77
CA ASN A 184 -0.91 18.32 24.83
C ASN A 184 0.33 17.51 24.48
N PHE A 185 0.15 16.24 24.12
CA PHE A 185 1.25 15.36 23.75
C PHE A 185 1.75 15.71 22.36
N THR A 186 2.97 15.27 22.06
CA THR A 186 3.61 15.53 20.78
C THR A 186 3.89 14.22 20.06
N LEU A 187 3.70 14.23 18.75
CA LEU A 187 3.97 13.08 17.89
C LEU A 187 5.09 13.42 16.92
N LEU A 188 6.08 12.55 16.82
CA LEU A 188 7.17 12.67 15.87
C LEU A 188 6.97 11.65 14.75
N VAL A 189 6.97 12.14 13.52
CA VAL A 189 6.80 11.29 12.34
C VAL A 189 8.10 11.35 11.53
N LYS A 190 8.74 10.20 11.36
CA LYS A 190 9.92 10.07 10.52
C LYS A 190 9.52 9.28 9.27
N ASN A 191 9.73 9.89 8.10
CA ASN A 191 9.28 9.32 6.84
C ASN A 191 10.45 9.27 5.87
N ASN A 192 10.77 8.08 5.38
CA ASN A 192 11.79 7.87 4.36
C ASN A 192 11.11 7.34 3.11
N ILE A 193 11.30 8.04 1.99
CA ILE A 193 10.64 7.69 0.74
C ILE A 193 11.65 7.17 -0.26
N TRP A 194 11.13 6.49 -1.28
CA TRP A 194 11.95 5.88 -2.31
C TRP A 194 11.17 5.86 -3.62
N TYR A 195 11.83 6.25 -4.70
CA TYR A 195 11.27 6.13 -6.04
C TYR A 195 12.10 5.10 -6.81
N PRO A 196 11.68 3.84 -6.88
CA PRO A 196 12.53 2.82 -7.52
C PRO A 196 12.85 3.11 -8.97
N LYS A 197 11.92 3.71 -9.72
CA LYS A 197 12.15 3.95 -11.15
C LYS A 197 13.34 4.88 -11.36
N PHE A 198 13.42 5.96 -10.59
CA PHE A 198 14.45 6.97 -10.74
C PHE A 198 15.61 6.79 -9.78
N ASN A 199 15.57 5.78 -8.91
CA ASN A 199 16.60 5.58 -7.90
C ASN A 199 16.83 6.87 -7.11
N PHE A 200 15.77 7.30 -6.42
CA PHE A 200 15.78 8.54 -5.67
C PHE A 200 15.22 8.28 -4.27
N SER A 201 15.95 8.71 -3.25
CA SER A 201 15.54 8.54 -1.86
C SER A 201 15.65 9.87 -1.13
N LYS A 202 14.74 10.07 -0.18
CA LYS A 202 14.77 11.25 0.68
C LYS A 202 14.01 10.95 1.95
N ARG A 203 14.26 11.76 2.98
CA ARG A 203 13.57 11.63 4.25
C ARG A 203 13.00 12.99 4.65
N ASN A 204 11.95 12.96 5.47
CA ASN A 204 11.18 14.17 5.78
C ASN A 204 11.91 15.13 6.69
N ILE A 205 13.03 14.71 7.30
CA ILE A 205 13.88 15.62 8.06
C ILE A 205 14.91 16.18 7.08
N LEU A 206 14.75 17.45 6.72
CA LEU A 206 15.54 18.02 5.63
C LEU A 206 16.99 18.23 6.06
N PRO A 207 17.89 18.37 5.10
CA PRO A 207 19.31 18.56 5.45
C PRO A 207 19.56 19.79 6.32
N ASN A 208 18.80 20.87 6.15
CA ASN A 208 19.02 22.08 6.92
C ASN A 208 18.33 22.07 8.27
N ILE A 209 17.61 21.00 8.60
CA ILE A 209 17.01 20.82 9.91
C ILE A 209 18.07 20.21 10.83
N THR A 210 18.53 21.00 11.80
CA THR A 210 19.62 20.59 12.72
C THR A 210 19.02 19.85 13.91
N THR A 211 19.85 19.21 14.73
CA THR A 211 19.41 18.48 15.91
C THR A 211 18.93 19.43 17.01
N THR A 212 19.55 20.60 17.13
CA THR A 212 19.09 21.57 18.12
C THR A 212 17.67 22.05 17.81
N TYR A 213 17.37 22.25 16.52
CA TYR A 213 16.05 22.73 16.13
C TYR A 213 14.97 21.72 16.47
N LEU A 214 15.26 20.42 16.29
CA LEU A 214 14.26 19.39 16.52
C LEU A 214 13.93 19.19 17.99
N LYS A 215 14.71 19.74 18.91
CA LYS A 215 14.49 19.53 20.33
C LYS A 215 13.39 20.41 20.91
N SER A 216 12.97 21.45 20.19
CA SER A 216 11.97 22.37 20.73
C SER A 216 10.94 22.82 19.70
N CYS A 217 10.94 22.28 18.49
CA CYS A 217 10.04 22.74 17.44
C CYS A 217 8.72 21.99 17.48
N ILE A 218 7.65 22.70 17.17
CA ILE A 218 6.33 22.11 16.96
C ILE A 218 5.84 22.58 15.59
N TYR A 219 5.23 21.67 14.85
CA TYR A 219 4.82 21.97 13.48
C TYR A 219 3.86 23.16 13.45
N ASP A 220 4.04 24.01 12.44
CA ASP A 220 3.14 25.13 12.19
C ASP A 220 3.33 25.54 10.75
N ALA A 221 2.26 25.45 9.95
CA ALA A 221 2.40 25.62 8.51
C ALA A 221 3.04 26.96 8.16
N LYS A 222 2.64 28.03 8.85
CA LYS A 222 3.17 29.35 8.51
C LYS A 222 4.59 29.54 9.01
N THR A 223 4.90 29.09 10.23
CA THR A 223 6.19 29.36 10.85
C THR A 223 7.17 28.20 10.75
N ASP A 224 6.73 26.97 11.05
CA ASP A 224 7.58 25.79 11.04
C ASP A 224 6.95 24.72 10.16
N PRO A 225 6.96 24.91 8.84
CA PRO A 225 6.29 23.96 7.94
C PRO A 225 7.07 22.66 7.74
N PHE A 226 8.25 22.50 8.33
CA PHE A 226 9.07 21.32 8.12
C PHE A 226 9.56 20.71 9.43
N CYS A 227 8.97 21.08 10.56
CA CYS A 227 9.23 20.36 11.80
C CYS A 227 8.32 19.15 11.85
N PRO A 228 8.87 17.92 11.91
CA PRO A 228 8.01 16.74 11.83
C PRO A 228 7.41 16.33 13.17
N ILE A 229 7.42 17.25 14.13
CA ILE A 229 6.86 17.00 15.46
C ILE A 229 5.54 17.75 15.56
N PHE A 230 4.46 17.01 15.81
CA PHE A 230 3.11 17.55 15.87
C PHE A 230 2.53 17.39 17.26
N ARG A 231 1.67 18.33 17.63
CA ARG A 231 0.89 18.26 18.87
C ARG A 231 -0.50 17.71 18.55
N LEU A 232 -0.94 16.72 19.32
CA LEU A 232 -2.15 15.99 18.97
C LEU A 232 -3.37 16.90 18.94
N GLY A 233 -3.50 17.78 19.93
CA GLY A 233 -4.60 18.71 19.95
C GLY A 233 -4.61 19.60 18.72
N LYS A 234 -3.43 20.07 18.31
CA LYS A 234 -3.36 20.93 17.14
C LYS A 234 -3.55 20.14 15.85
N ILE A 235 -3.19 18.86 15.84
CA ILE A 235 -3.51 18.01 14.70
C ILE A 235 -5.02 17.93 14.52
N VAL A 236 -5.74 17.67 15.62
CA VAL A 236 -7.19 17.57 15.53
C VAL A 236 -7.80 18.92 15.17
N GLU A 237 -7.24 20.00 15.71
CA GLU A 237 -7.74 21.34 15.40
C GLU A 237 -7.55 21.69 13.93
N ASN A 238 -6.40 21.33 13.35
CA ASN A 238 -6.12 21.67 11.96
C ASN A 238 -6.99 20.88 10.99
N ALA A 239 -7.70 19.86 11.45
CA ALA A 239 -8.67 19.15 10.64
C ALA A 239 -10.07 19.70 10.78
N GLY A 240 -10.25 20.77 11.54
CA GLY A 240 -11.55 21.37 11.71
C GLY A 240 -12.39 20.79 12.83
N HIS A 241 -11.78 20.14 13.81
CA HIS A 241 -12.52 19.48 14.88
C HIS A 241 -11.98 19.87 16.24
N SER A 242 -12.49 19.23 17.29
CA SER A 242 -12.11 19.53 18.67
C SER A 242 -11.59 18.26 19.33
N PHE A 243 -10.45 18.38 20.02
CA PHE A 243 -9.86 17.21 20.66
C PHE A 243 -10.70 16.74 21.84
N GLN A 244 -11.21 17.68 22.65
CA GLN A 244 -11.97 17.28 23.84
C GLN A 244 -13.24 16.55 23.46
N ASP A 245 -13.98 17.06 22.47
CA ASP A 245 -15.18 16.37 22.02
C ASP A 245 -14.83 15.02 21.39
N MET A 246 -13.77 14.97 20.60
CA MET A 246 -13.39 13.76 19.89
C MET A 246 -12.77 12.71 20.81
N ALA A 247 -12.38 13.08 22.03
CA ALA A 247 -11.69 12.17 22.93
C ALA A 247 -12.63 11.34 23.79
N VAL A 248 -13.89 11.76 23.93
CA VAL A 248 -14.82 11.01 24.77
C VAL A 248 -15.13 9.65 24.16
N GLU A 249 -15.37 9.60 22.86
CA GLU A 249 -15.68 8.36 22.16
C GLU A 249 -14.59 7.90 21.22
N GLY A 250 -13.59 8.74 20.94
CA GLY A 250 -12.51 8.37 20.05
C GLY A 250 -12.81 8.70 18.59
N GLY A 251 -11.84 8.36 17.76
CA GLY A 251 -11.97 8.61 16.34
C GLY A 251 -10.71 8.19 15.61
N ILE A 252 -10.65 8.57 14.33
CA ILE A 252 -9.52 8.26 13.47
C ILE A 252 -9.10 9.54 12.76
N MET A 253 -7.82 9.89 12.87
CA MET A 253 -7.23 11.03 12.20
C MET A 253 -6.16 10.54 11.23
N GLY A 254 -6.17 11.10 10.02
CA GLY A 254 -5.14 10.82 9.04
C GLY A 254 -4.16 11.98 8.96
N ILE A 255 -2.88 11.65 9.12
CA ILE A 255 -1.79 12.58 8.87
C ILE A 255 -1.27 12.25 7.47
N GLN A 256 -1.41 13.20 6.56
CA GLN A 256 -1.25 12.95 5.13
C GLN A 256 0.00 13.66 4.64
N VAL A 257 0.98 12.89 4.20
CA VAL A 257 2.24 13.42 3.70
C VAL A 257 2.24 13.33 2.18
N ASN A 258 2.44 14.46 1.52
CA ASN A 258 2.40 14.56 0.07
C ASN A 258 3.81 14.78 -0.45
N TRP A 259 4.25 13.89 -1.34
CA TRP A 259 5.55 14.00 -2.00
C TRP A 259 5.30 14.12 -3.50
N ASP A 260 5.03 15.34 -3.96
CA ASP A 260 4.82 15.63 -5.38
C ASP A 260 5.92 16.57 -5.83
N CYS A 261 7.05 16.01 -6.24
CA CYS A 261 8.22 16.79 -6.60
C CYS A 261 8.70 16.40 -8.00
N ASN A 262 9.13 17.41 -8.75
CA ASN A 262 9.66 17.22 -10.09
C ASN A 262 11.17 16.98 -10.00
N LEU A 263 11.61 15.83 -10.51
CA LEU A 263 13.02 15.46 -10.41
C LEU A 263 13.89 16.09 -11.48
N ASP A 264 13.29 16.85 -12.42
CA ASP A 264 14.08 17.63 -13.36
C ASP A 264 14.77 18.82 -12.68
N ARG A 265 14.41 19.14 -11.45
CA ARG A 265 14.96 20.24 -10.69
C ARG A 265 15.88 19.71 -9.60
N ALA A 266 16.38 20.61 -8.76
CA ALA A 266 17.29 20.20 -7.69
C ALA A 266 16.57 19.28 -6.72
N ALA A 267 17.34 18.34 -6.15
CA ALA A 267 16.79 17.41 -5.17
C ALA A 267 16.42 18.08 -3.86
N SER A 268 16.81 19.33 -3.65
CA SER A 268 16.48 20.06 -2.44
C SER A 268 15.07 20.64 -2.48
N LEU A 269 14.37 20.53 -3.61
CA LEU A 269 13.01 21.03 -3.74
C LEU A 269 11.96 19.95 -3.61
N CYS A 270 12.35 18.69 -3.33
CA CYS A 270 11.40 17.61 -3.11
C CYS A 270 11.07 17.59 -1.62
N LEU A 271 10.02 18.35 -1.27
CA LEU A 271 9.65 18.61 0.11
C LEU A 271 8.29 17.98 0.43
N PRO A 272 8.06 17.59 1.68
CA PRO A 272 6.74 17.05 2.05
C PRO A 272 5.76 18.12 2.48
N ARG A 273 4.49 17.87 2.17
CA ARG A 273 3.40 18.75 2.56
C ARG A 273 2.44 17.97 3.44
N TYR A 274 2.08 18.54 4.59
CA TYR A 274 1.28 17.85 5.59
C TYR A 274 -0.15 18.39 5.58
N SER A 275 -1.11 17.49 5.49
CA SER A 275 -2.53 17.81 5.62
C SER A 275 -3.17 16.81 6.56
N PHE A 276 -4.26 17.22 7.18
CA PHE A 276 -4.93 16.44 8.21
C PHE A 276 -6.40 16.27 7.86
N ARG A 277 -6.91 15.06 8.02
CA ARG A 277 -8.27 14.73 7.64
C ARG A 277 -8.82 13.69 8.62
N ARG A 278 -10.09 13.83 8.97
CA ARG A 278 -10.76 12.86 9.84
C ARG A 278 -11.32 11.73 8.99
N LEU A 279 -10.98 10.50 9.36
CA LEU A 279 -11.35 9.32 8.59
C LEU A 279 -12.54 8.56 9.19
N ASP A 280 -13.23 9.17 10.15
CA ASP A 280 -14.45 8.60 10.73
C ASP A 280 -15.58 9.61 10.59
N THR A 281 -16.80 9.08 10.43
CA THR A 281 -17.95 9.90 10.10
C THR A 281 -18.93 9.92 11.27
N ARG A 282 -19.46 11.11 11.56
CA ARG A 282 -20.46 11.30 12.61
C ARG A 282 -21.84 11.30 11.96
N ASP A 283 -22.53 10.16 12.04
CA ASP A 283 -23.87 10.03 11.49
C ASP A 283 -24.67 9.13 12.42
N VAL A 284 -25.73 9.69 13.01
CA VAL A 284 -26.55 8.96 13.98
C VAL A 284 -27.75 8.28 13.31
N GLU A 285 -27.77 8.21 11.98
CA GLU A 285 -28.84 7.53 11.26
C GLU A 285 -28.35 6.48 10.28
N HIS A 286 -27.09 6.51 9.85
CA HIS A 286 -26.57 5.56 8.89
C HIS A 286 -25.17 5.11 9.30
N ASN A 287 -24.98 4.79 10.58
CA ASN A 287 -23.68 4.40 11.09
C ASN A 287 -23.83 3.25 12.08
N VAL A 288 -22.78 2.45 12.17
CA VAL A 288 -22.70 1.34 13.13
C VAL A 288 -21.32 1.38 13.78
N SER A 289 -21.29 1.21 15.10
CA SER A 289 -20.04 1.28 15.86
C SER A 289 -19.36 2.62 15.63
N PRO A 290 -19.92 3.71 16.15
CA PRO A 290 -19.32 5.03 15.94
C PRO A 290 -18.08 5.22 16.78
N GLY A 291 -17.47 6.39 16.62
CA GLY A 291 -16.24 6.71 17.34
C GLY A 291 -15.14 5.72 16.98
N TYR A 292 -14.42 5.27 18.01
CA TYR A 292 -13.39 4.26 17.82
C TYR A 292 -13.00 3.70 19.18
N ASN A 293 -13.00 2.37 19.29
CA ASN A 293 -12.61 1.70 20.52
C ASN A 293 -12.33 0.24 20.20
N PHE A 294 -11.77 -0.46 21.18
CA PHE A 294 -11.58 -1.90 21.10
C PHE A 294 -11.41 -2.44 22.51
N ARG A 295 -11.58 -3.76 22.64
CA ARG A 295 -11.50 -4.45 23.91
C ARG A 295 -10.28 -5.36 23.93
N PHE A 296 -9.47 -5.23 24.97
CA PHE A 296 -8.38 -6.16 25.24
C PHE A 296 -8.44 -6.52 26.73
N ALA A 297 -7.71 -7.57 27.10
CA ALA A 297 -7.79 -8.11 28.45
C ALA A 297 -6.39 -8.29 29.03
N LYS A 298 -6.32 -8.18 30.34
CA LYS A 298 -5.14 -8.51 31.12
C LYS A 298 -5.44 -9.76 31.94
N TYR A 299 -4.57 -10.76 31.82
CA TYR A 299 -4.80 -12.05 32.47
C TYR A 299 -3.87 -12.23 33.65
N TYR A 300 -4.43 -12.64 34.78
CA TYR A 300 -3.70 -12.86 36.03
C TYR A 300 -4.03 -14.25 36.54
N ARG A 301 -3.49 -14.58 37.71
CA ARG A 301 -3.76 -15.86 38.37
C ARG A 301 -4.05 -15.62 39.84
N ASP A 302 -5.14 -16.20 40.32
CA ASP A 302 -5.44 -16.17 41.74
C ASP A 302 -4.50 -17.11 42.50
N LEU A 303 -4.31 -16.82 43.80
CA LEU A 303 -3.42 -17.64 44.60
C LEU A 303 -3.81 -19.11 44.56
N ALA A 304 -5.11 -19.39 44.46
CA ALA A 304 -5.57 -20.78 44.32
C ALA A 304 -5.22 -21.37 42.96
N GLY A 305 -4.79 -20.54 42.01
CA GLY A 305 -4.40 -20.99 40.69
C GLY A 305 -5.42 -20.71 39.61
N ASN A 306 -6.61 -20.22 39.94
CA ASN A 306 -7.61 -19.91 38.95
C ASN A 306 -7.18 -18.69 38.12
N GLU A 307 -7.87 -18.48 37.01
CA GLU A 307 -7.53 -17.42 36.06
C GLU A 307 -8.44 -16.22 36.27
N GLN A 308 -7.84 -15.06 36.46
CA GLN A 308 -8.54 -13.78 36.55
C GLN A 308 -8.33 -13.02 35.25
N ARG A 309 -9.10 -11.97 35.06
CA ARG A 309 -8.80 -11.04 33.97
C ARG A 309 -9.39 -9.67 34.27
N THR A 310 -8.75 -8.65 33.71
CA THR A 310 -9.27 -7.29 33.69
C THR A 310 -9.65 -6.96 32.25
N LEU A 311 -10.91 -6.63 32.03
CA LEU A 311 -11.39 -6.26 30.70
C LEU A 311 -11.32 -4.75 30.54
N ILE A 312 -10.60 -4.28 29.54
CA ILE A 312 -10.46 -2.86 29.24
C ILE A 312 -11.17 -2.57 27.93
N LYS A 313 -12.12 -1.65 27.95
CA LYS A 313 -12.67 -1.05 26.75
C LYS A 313 -11.99 0.30 26.56
N ALA A 314 -11.13 0.39 25.55
CA ALA A 314 -10.27 1.55 25.36
C ALA A 314 -10.83 2.42 24.24
N TYR A 315 -11.28 3.62 24.59
CA TYR A 315 -11.58 4.65 23.61
C TYR A 315 -10.36 5.51 23.39
N GLY A 316 -10.17 5.97 22.16
CA GLY A 316 -9.03 6.81 21.84
C GLY A 316 -9.04 7.17 20.38
N ILE A 317 -7.99 7.89 19.99
CA ILE A 317 -7.84 8.38 18.62
C ILE A 317 -6.72 7.58 17.96
N ARG A 318 -7.01 7.05 16.78
CA ARG A 318 -6.01 6.38 15.95
C ARG A 318 -5.45 7.40 14.95
N PHE A 319 -4.12 7.45 14.85
CA PHE A 319 -3.44 8.37 13.96
C PHE A 319 -2.80 7.55 12.85
N ASP A 320 -3.37 7.62 11.65
CA ASP A 320 -2.84 6.94 10.48
C ASP A 320 -1.98 7.90 9.68
N ILE A 321 -0.81 7.43 9.27
CA ILE A 321 0.10 8.20 8.43
C ILE A 321 -0.06 7.72 7.00
N ILE A 322 -0.50 8.63 6.13
CA ILE A 322 -0.79 8.31 4.73
C ILE A 322 0.20 9.08 3.88
N VAL A 323 1.05 8.35 3.16
CA VAL A 323 2.08 8.94 2.32
C VAL A 323 1.75 8.61 0.87
N PHE A 324 1.63 9.64 0.05
CA PHE A 324 1.31 9.49 -1.36
C PHE A 324 2.05 10.54 -2.16
N GLY A 325 2.12 10.33 -3.45
CA GLY A 325 2.71 11.30 -4.35
C GLY A 325 3.42 10.62 -5.51
N LYS A 326 3.67 11.41 -6.55
CA LYS A 326 4.34 10.93 -7.76
C LYS A 326 5.48 11.87 -8.10
N ALA A 327 6.59 11.30 -8.54
CA ALA A 327 7.72 12.05 -9.07
C ALA A 327 7.65 12.08 -10.59
N GLY A 328 8.28 13.10 -11.17
CA GLY A 328 8.29 13.25 -12.61
C GLY A 328 9.66 13.59 -13.14
N LYS A 329 10.07 12.90 -14.21
CA LYS A 329 11.33 13.15 -14.88
C LYS A 329 11.09 13.18 -16.38
N PHE A 330 11.89 13.97 -17.08
CA PHE A 330 11.72 14.10 -18.53
C PHE A 330 11.92 12.75 -19.21
N ASP A 331 11.02 12.44 -20.15
CA ASP A 331 11.12 11.22 -20.95
C ASP A 331 10.80 11.58 -22.39
N ILE A 332 11.43 10.85 -23.33
CA ILE A 332 11.30 11.19 -24.74
C ILE A 332 10.06 10.59 -25.36
N ILE A 333 9.56 9.48 -24.82
CA ILE A 333 8.41 8.79 -25.41
C ILE A 333 7.17 9.68 -25.36
N PRO A 334 6.76 10.17 -24.19
CA PRO A 334 5.59 11.07 -24.16
C PRO A 334 5.81 12.35 -24.95
N THR A 335 7.03 12.89 -24.97
CA THR A 335 7.32 14.08 -25.74
C THR A 335 7.04 13.84 -27.22
N MET A 336 7.58 12.74 -27.77
CA MET A 336 7.36 12.43 -29.18
C MET A 336 5.90 12.12 -29.46
N ILE A 337 5.23 11.46 -28.52
CA ILE A 337 3.80 11.16 -28.71
C ILE A 337 3.02 12.46 -28.83
N ASN A 338 3.27 13.42 -27.93
CA ASN A 338 2.56 14.68 -27.96
C ASN A 338 2.89 15.47 -29.23
N ILE A 339 4.15 15.45 -29.65
CA ILE A 339 4.54 16.17 -30.86
C ILE A 339 3.83 15.59 -32.08
N GLY A 340 3.81 14.26 -32.19
CA GLY A 340 3.12 13.62 -33.29
C GLY A 340 1.62 13.90 -33.28
N SER A 341 1.01 13.87 -32.09
CA SER A 341 -0.41 14.16 -31.99
C SER A 341 -0.71 15.59 -32.42
N GLY A 342 0.13 16.54 -32.02
CA GLY A 342 -0.06 17.91 -32.47
C GLY A 342 0.10 18.05 -33.98
N LEU A 343 1.09 17.36 -34.55
CA LEU A 343 1.27 17.39 -35.99
C LEU A 343 0.04 16.85 -36.70
N ALA A 344 -0.53 15.76 -36.18
CA ALA A 344 -1.75 15.23 -36.77
C ALA A 344 -2.92 16.20 -36.62
N LEU A 345 -3.04 16.83 -35.45
CA LEU A 345 -4.15 17.76 -35.21
C LEU A 345 -4.06 19.01 -36.07
N LEU A 346 -2.85 19.37 -36.53
CA LEU A 346 -2.72 20.57 -37.34
C LEU A 346 -3.49 20.47 -38.66
N GLY A 347 -3.88 19.27 -39.08
CA GLY A 347 -4.65 19.11 -40.31
C GLY A 347 -6.12 19.44 -40.18
N MET A 348 -6.63 19.57 -38.95
CA MET A 348 -8.02 19.96 -38.78
C MET A 348 -8.29 21.34 -39.34
N ALA A 349 -7.32 22.26 -39.20
CA ALA A 349 -7.46 23.58 -39.79
C ALA A 349 -7.59 23.48 -41.31
N THR A 350 -6.76 22.66 -41.94
CA THR A 350 -6.86 22.48 -43.38
C THR A 350 -8.23 21.90 -43.76
N VAL A 351 -8.71 20.92 -43.01
CA VAL A 351 -10.00 20.31 -43.32
C VAL A 351 -11.11 21.36 -43.24
N LEU A 352 -11.16 22.12 -42.15
CA LEU A 352 -12.22 23.10 -41.97
C LEU A 352 -12.14 24.19 -43.04
N CYS A 353 -10.93 24.67 -43.33
CA CYS A 353 -10.79 25.72 -44.34
C CYS A 353 -11.17 25.20 -45.72
N ASP A 354 -10.85 23.94 -46.02
CA ASP A 354 -11.27 23.35 -47.28
C ASP A 354 -12.79 23.30 -47.36
N ILE A 355 -13.46 22.90 -46.27
CA ILE A 355 -14.92 22.89 -46.27
C ILE A 355 -15.46 24.29 -46.56
N ILE A 356 -14.94 25.29 -45.86
CA ILE A 356 -15.40 26.66 -46.06
C ILE A 356 -15.18 27.10 -47.49
N VAL A 357 -14.01 26.79 -48.05
CA VAL A 357 -13.67 27.26 -49.38
C VAL A 357 -14.52 26.58 -50.45
N LEU A 358 -14.79 25.29 -50.28
CA LEU A 358 -15.46 24.52 -51.31
C LEU A 358 -16.99 24.53 -51.19
N TYR A 359 -17.53 24.96 -50.05
CA TYR A 359 -18.98 24.93 -49.86
C TYR A 359 -19.58 26.24 -49.37
N CYS A 360 -18.79 27.26 -49.08
CA CYS A 360 -19.29 28.51 -48.51
C CYS A 360 -18.66 29.72 -49.21
N MET A 361 -18.63 29.69 -50.54
CA MET A 361 -18.16 30.84 -51.30
C MET A 361 -18.89 30.89 -52.64
N LYS A 362 -18.81 32.06 -53.29
CA LYS A 362 -19.38 32.21 -54.63
C LYS A 362 -18.48 31.59 -55.68
N LYS A 363 -17.16 31.60 -55.46
CA LYS A 363 -16.16 30.99 -56.39
C LYS A 363 -15.85 29.56 -55.91
N ARG A 364 -16.80 28.91 -55.26
CA ARG A 364 -16.57 27.56 -54.69
C ARG A 364 -16.44 26.54 -55.84
N LEU A 365 -16.84 26.91 -57.06
CA LEU A 365 -16.78 26.02 -58.25
C LEU A 365 -15.45 26.25 -58.96
N TYR A 366 -14.83 27.43 -58.82
CA TYR A 366 -13.50 27.68 -59.36
C TYR A 366 -12.44 26.95 -58.54
N TYR A 367 -12.55 27.03 -57.21
CA TYR A 367 -11.59 26.35 -56.35
C TYR A 367 -11.74 24.84 -56.41
N ARG A 368 -12.96 24.34 -56.58
CA ARG A 368 -13.16 22.91 -56.77
C ARG A 368 -12.48 22.43 -58.04
N GLU A 369 -12.62 23.20 -59.12
CA GLU A 369 -11.97 22.83 -60.37
C GLU A 369 -10.45 22.88 -60.24
N LYS A 370 -9.93 23.88 -59.52
CA LYS A 370 -8.49 24.02 -59.37
C LYS A 370 -7.91 22.91 -58.50
N LYS A 371 -8.57 22.61 -57.38
CA LYS A 371 -8.00 21.68 -56.40
C LYS A 371 -8.09 20.23 -56.88
N TYR A 372 -9.23 19.84 -57.44
CA TYR A 372 -9.48 18.46 -57.82
C TYR A 372 -9.28 18.28 -59.31
N LYS A 373 -8.45 17.29 -59.69
CA LYS A 373 -8.13 16.96 -61.10
C LYS A 373 -8.68 15.57 -61.41
N TYR A 374 -9.63 15.42 -62.34
CA TYR A 374 -10.35 14.20 -62.60
C TYR A 374 -9.63 13.38 -63.66
N VAL A 375 -9.44 12.09 -63.39
CA VAL A 375 -8.83 11.17 -64.33
C VAL A 375 -9.96 10.36 -64.95
N GLU A 376 -10.31 10.68 -66.18
CA GLU A 376 -11.42 10.02 -66.87
C GLU A 376 -11.05 8.59 -67.22
N GLY B 3 10.73 42.35 -49.30
CA GLY B 3 9.80 43.03 -48.41
C GLY B 3 9.29 42.12 -47.30
N CYS B 4 9.75 42.40 -46.07
CA CYS B 4 9.32 41.58 -44.94
C CYS B 4 7.82 41.71 -44.71
N CYS B 5 7.28 42.94 -44.80
CA CYS B 5 5.85 43.14 -44.59
C CYS B 5 5.04 42.40 -45.64
N ALA B 6 5.46 42.48 -46.91
CA ALA B 6 4.74 41.78 -47.97
C ALA B 6 4.78 40.27 -47.76
N ALA B 7 5.93 39.74 -47.36
CA ALA B 7 6.03 38.30 -47.08
C ALA B 7 5.12 37.90 -45.94
N LEU B 8 5.09 38.71 -44.87
CA LEU B 8 4.21 38.40 -43.75
C LEU B 8 2.74 38.43 -44.17
N ALA B 9 2.36 39.43 -44.97
CA ALA B 9 0.99 39.48 -45.45
C ALA B 9 0.64 38.27 -46.30
N ALA B 10 1.55 37.88 -47.20
CA ALA B 10 1.29 36.70 -48.02
C ALA B 10 1.15 35.45 -47.16
N PHE B 11 2.01 35.32 -46.15
CA PHE B 11 1.92 34.16 -45.25
C PHE B 11 0.58 34.16 -44.50
N LEU B 12 0.12 35.33 -44.07
CA LEU B 12 -1.12 35.41 -43.30
C LEU B 12 -2.37 35.44 -44.17
N PHE B 13 -2.26 35.90 -45.42
CA PHE B 13 -3.43 36.15 -46.25
C PHE B 13 -3.52 35.19 -47.45
N GLU B 14 -2.84 34.05 -47.38
CA GLU B 14 -2.90 33.05 -48.44
C GLU B 14 -3.18 31.68 -47.84
N TYR B 15 -4.06 30.92 -48.49
CA TYR B 15 -4.43 29.58 -48.05
C TYR B 15 -3.80 28.55 -48.96
N ASP B 16 -3.18 27.54 -48.37
CA ASP B 16 -2.47 26.50 -49.10
C ASP B 16 -3.17 25.16 -48.88
N THR B 17 -3.55 24.51 -49.96
CA THR B 17 -4.22 23.21 -49.90
C THR B 17 -3.62 22.27 -50.92
N PRO B 18 -3.53 20.98 -50.62
CA PRO B 18 -2.93 20.03 -51.57
C PRO B 18 -3.77 19.84 -52.82
N ARG B 19 -3.10 19.49 -53.91
CA ARG B 19 -3.75 19.17 -55.17
C ARG B 19 -4.08 17.69 -55.19
N ILE B 20 -5.33 17.36 -55.51
CA ILE B 20 -5.84 16.00 -55.41
C ILE B 20 -6.14 15.47 -56.80
N VAL B 21 -6.06 14.14 -56.93
CA VAL B 21 -6.38 13.44 -58.17
C VAL B 21 -7.53 12.50 -57.89
N LEU B 22 -8.61 12.62 -58.66
CA LEU B 22 -9.80 11.81 -58.48
C LEU B 22 -9.82 10.71 -59.52
N ILE B 23 -9.86 9.45 -59.06
CA ILE B 23 -9.89 8.28 -59.93
C ILE B 23 -11.24 7.59 -59.75
N ARG B 24 -11.94 7.38 -60.86
CA ARG B 24 -13.23 6.69 -60.84
C ARG B 24 -12.97 5.20 -60.89
N SER B 25 -13.00 4.54 -59.72
CA SER B 25 -12.80 3.11 -59.63
C SER B 25 -13.70 2.57 -58.51
N ARG B 26 -14.65 1.71 -58.88
CA ARG B 26 -15.61 1.20 -57.90
C ARG B 26 -14.90 0.40 -56.81
N LYS B 27 -14.07 -0.56 -57.22
CA LYS B 27 -13.43 -1.44 -56.25
C LYS B 27 -12.53 -0.67 -55.30
N VAL B 28 -11.70 0.23 -55.84
CA VAL B 28 -10.77 0.97 -55.00
C VAL B 28 -11.52 1.93 -54.09
N GLY B 29 -12.52 2.63 -54.62
CA GLY B 29 -13.29 3.52 -53.77
C GLY B 29 -13.97 2.80 -52.63
N LEU B 30 -14.62 1.67 -52.94
CA LEU B 30 -15.30 0.91 -51.90
C LEU B 30 -14.30 0.37 -50.88
N MET B 31 -13.14 -0.09 -51.34
CA MET B 31 -12.13 -0.59 -50.41
C MET B 31 -11.62 0.52 -49.50
N ASN B 32 -11.38 1.71 -50.07
CA ASN B 32 -10.92 2.83 -49.27
C ASN B 32 -11.95 3.19 -48.20
N ARG B 33 -13.22 3.28 -48.60
CA ARG B 33 -14.27 3.61 -47.65
C ARG B 33 -14.41 2.53 -46.59
N ALA B 34 -14.26 1.26 -46.98
CA ALA B 34 -14.35 0.18 -46.01
C ALA B 34 -13.22 0.25 -44.98
N VAL B 35 -12.00 0.49 -45.45
CA VAL B 35 -10.87 0.59 -44.52
C VAL B 35 -11.05 1.78 -43.59
N GLN B 36 -11.49 2.93 -44.14
CA GLN B 36 -11.72 4.10 -43.30
C GLN B 36 -12.82 3.83 -42.27
N LEU B 37 -13.88 3.13 -42.68
CA LEU B 37 -14.96 2.79 -41.76
C LEU B 37 -14.48 1.87 -40.66
N LEU B 38 -13.65 0.88 -41.00
CA LEU B 38 -13.09 0.01 -39.97
C LEU B 38 -12.23 0.79 -38.99
N ILE B 39 -11.39 1.70 -39.50
CA ILE B 39 -10.53 2.49 -38.63
C ILE B 39 -11.38 3.37 -37.71
N LEU B 40 -12.40 4.02 -38.25
CA LEU B 40 -13.26 4.86 -37.43
C LEU B 40 -14.02 4.04 -36.39
N ALA B 41 -14.51 2.86 -36.79
CA ALA B 41 -15.21 2.00 -35.84
C ALA B 41 -14.28 1.61 -34.70
N TYR B 42 -13.05 1.21 -35.01
CA TYR B 42 -12.07 0.96 -33.97
C TYR B 42 -11.94 2.18 -33.06
N VAL B 43 -11.56 3.32 -33.63
CA VAL B 43 -11.21 4.48 -32.83
C VAL B 43 -12.37 4.91 -31.93
N ILE B 44 -13.59 4.83 -32.44
CA ILE B 44 -14.74 5.25 -31.64
C ILE B 44 -15.10 4.16 -30.64
N GLY B 45 -15.55 3.00 -31.15
CA GLY B 45 -16.09 1.98 -30.27
C GLY B 45 -15.07 1.47 -29.27
N TRP B 46 -13.94 0.96 -29.76
CA TRP B 46 -13.02 0.27 -28.86
C TRP B 46 -12.29 1.24 -27.95
N VAL B 47 -11.84 2.37 -28.49
CA VAL B 47 -11.00 3.28 -27.71
C VAL B 47 -11.85 4.18 -26.83
N PHE B 48 -12.89 4.80 -27.40
CA PHE B 48 -13.69 5.77 -26.64
C PHE B 48 -14.85 5.12 -25.92
N VAL B 49 -15.74 4.46 -26.66
CA VAL B 49 -16.97 3.93 -26.06
C VAL B 49 -16.66 2.76 -25.15
N TRP B 50 -15.81 1.83 -25.60
CA TRP B 50 -15.58 0.58 -24.88
C TRP B 50 -14.51 0.72 -23.81
N GLU B 51 -13.31 1.17 -24.19
CA GLU B 51 -12.18 1.21 -23.28
C GLU B 51 -12.06 2.55 -22.55
N LYS B 52 -12.96 3.49 -22.78
CA LYS B 52 -12.95 4.78 -22.09
C LYS B 52 -11.60 5.47 -22.25
N GLY B 53 -11.27 5.77 -23.50
CA GLY B 53 -10.01 6.42 -23.83
C GLY B 53 -10.00 7.92 -23.64
N TYR B 54 -11.09 8.48 -23.13
CA TYR B 54 -11.23 9.92 -22.91
C TYR B 54 -11.10 10.30 -21.44
N GLN B 55 -10.51 9.42 -20.61
CA GLN B 55 -10.55 9.58 -19.17
C GLN B 55 -9.15 9.52 -18.58
N GLU B 56 -8.97 10.22 -17.46
CA GLU B 56 -7.80 10.11 -16.63
C GLU B 56 -8.12 9.26 -15.41
N THR B 57 -7.16 8.44 -14.98
CA THR B 57 -7.37 7.44 -13.94
C THR B 57 -6.56 7.79 -12.70
N ASP B 58 -7.16 7.51 -11.53
CA ASP B 58 -6.51 7.72 -10.25
C ASP B 58 -6.73 6.49 -9.37
N SER B 59 -5.71 6.17 -8.57
CA SER B 59 -5.80 5.04 -7.64
C SER B 59 -6.42 5.50 -6.32
N VAL B 60 -6.87 4.52 -5.54
CA VAL B 60 -7.67 4.78 -4.34
C VAL B 60 -6.78 4.74 -3.12
N VAL B 61 -7.13 5.56 -2.13
CA VAL B 61 -6.49 5.56 -0.82
C VAL B 61 -7.55 5.16 0.19
N SER B 62 -7.30 4.08 0.94
CA SER B 62 -8.30 3.46 1.77
C SER B 62 -7.86 3.40 3.23
N SER B 63 -8.85 3.42 4.12
CA SER B 63 -8.65 3.14 5.54
C SER B 63 -9.73 2.17 5.98
N VAL B 64 -9.33 1.11 6.70
CA VAL B 64 -10.20 0.01 7.04
C VAL B 64 -10.28 -0.14 8.55
N THR B 65 -11.47 -0.44 9.05
CA THR B 65 -11.71 -0.72 10.46
C THR B 65 -12.54 -1.99 10.56
N THR B 66 -12.09 -2.94 11.39
CA THR B 66 -12.72 -4.23 11.53
C THR B 66 -13.18 -4.45 12.97
N LYS B 67 -14.29 -5.16 13.14
CA LYS B 67 -14.83 -5.50 14.48
C LYS B 67 -15.42 -6.91 14.36
N VAL B 68 -15.31 -7.75 15.38
CA VAL B 68 -15.84 -9.10 15.39
C VAL B 68 -16.82 -9.25 16.55
N LYS B 69 -17.81 -10.11 16.36
CA LYS B 69 -18.81 -10.41 17.37
C LYS B 69 -19.04 -11.90 17.43
N GLY B 70 -19.31 -12.40 18.63
CA GLY B 70 -19.60 -13.80 18.85
C GLY B 70 -18.92 -14.30 20.11
N VAL B 71 -19.56 -15.25 20.77
CA VAL B 71 -19.04 -15.86 22.00
C VAL B 71 -19.16 -17.37 21.86
N ALA B 72 -18.07 -18.07 22.22
CA ALA B 72 -17.99 -19.52 22.09
C ALA B 72 -17.85 -20.16 23.46
N VAL B 73 -18.34 -21.39 23.57
CA VAL B 73 -18.33 -22.15 24.82
C VAL B 73 -17.63 -23.49 24.55
N THR B 74 -16.67 -23.84 25.41
CA THR B 74 -16.00 -25.12 25.33
C THR B 74 -15.89 -25.74 26.71
N ASN B 75 -16.00 -27.07 26.78
CA ASN B 75 -15.82 -27.83 28.01
C ASN B 75 -14.93 -29.02 27.68
N THR B 76 -13.63 -28.84 27.78
CA THR B 76 -12.65 -29.89 27.55
C THR B 76 -12.01 -30.31 28.86
N SER B 77 -11.24 -31.40 28.80
CA SER B 77 -10.65 -31.95 30.01
C SER B 77 -9.43 -31.15 30.46
N LYS B 78 -8.52 -30.85 29.52
CA LYS B 78 -7.27 -30.20 29.89
C LYS B 78 -7.53 -28.81 30.47
N LEU B 79 -8.44 -28.05 29.87
CA LEU B 79 -8.63 -26.65 30.22
C LEU B 79 -9.96 -26.36 30.89
N GLY B 80 -10.94 -27.26 30.81
CA GLY B 80 -12.18 -27.11 31.53
C GLY B 80 -13.17 -26.19 30.83
N PHE B 81 -14.30 -25.99 31.51
CA PHE B 81 -15.32 -25.07 31.01
C PHE B 81 -14.74 -23.68 30.85
N ARG B 82 -15.02 -23.06 29.71
CA ARG B 82 -14.52 -21.72 29.42
C ARG B 82 -15.47 -21.00 28.48
N ILE B 83 -15.32 -19.68 28.45
CA ILE B 83 -16.07 -18.79 27.59
C ILE B 83 -15.05 -17.98 26.79
N TRP B 84 -15.31 -17.83 25.50
CA TRP B 84 -14.40 -17.12 24.60
C TRP B 84 -15.17 -15.94 23.99
N ASP B 85 -14.91 -14.75 24.50
CA ASP B 85 -15.45 -13.53 23.94
C ASP B 85 -14.38 -12.86 23.07
N VAL B 86 -14.73 -11.71 22.50
CA VAL B 86 -13.87 -11.09 21.50
C VAL B 86 -12.49 -10.79 22.08
N ALA B 87 -12.42 -10.46 23.37
CA ALA B 87 -11.15 -10.13 23.99
C ALA B 87 -10.23 -11.34 24.15
N ASP B 88 -10.72 -12.56 23.88
CA ASP B 88 -9.93 -13.77 24.01
C ASP B 88 -9.40 -14.29 22.68
N TYR B 89 -10.27 -14.46 21.68
CA TYR B 89 -9.91 -15.19 20.47
C TYR B 89 -9.39 -14.30 19.35
N VAL B 90 -9.35 -12.98 19.54
CA VAL B 90 -8.74 -12.06 18.59
C VAL B 90 -7.39 -11.65 19.17
N ILE B 91 -6.31 -12.11 18.55
CA ILE B 91 -4.95 -11.87 19.05
C ILE B 91 -4.13 -11.20 17.96
N PRO B 92 -3.72 -9.92 18.12
CA PRO B 92 -4.03 -8.96 19.18
C PRO B 92 -5.37 -8.25 18.94
N ALA B 93 -5.79 -7.44 19.91
CA ALA B 93 -7.11 -6.84 19.85
C ALA B 93 -7.31 -6.00 18.58
N GLN B 94 -6.25 -5.39 18.07
CA GLN B 94 -6.36 -4.50 16.92
C GLN B 94 -5.17 -4.69 15.99
N GLU B 95 -5.46 -4.76 14.69
CA GLU B 95 -4.45 -4.87 13.63
C GLU B 95 -4.79 -3.85 12.56
N GLU B 96 -3.99 -3.84 11.49
CA GLU B 96 -4.18 -2.93 10.36
C GLU B 96 -4.55 -3.72 9.13
N ASN B 97 -5.71 -3.41 8.53
CA ASN B 97 -6.22 -4.12 7.36
C ASN B 97 -6.14 -5.63 7.53
N SER B 98 -6.20 -6.10 8.77
CA SER B 98 -6.05 -7.52 9.03
C SER B 98 -6.70 -7.86 10.35
N LEU B 99 -6.97 -9.14 10.55
CA LEU B 99 -7.64 -9.61 11.76
C LEU B 99 -7.43 -11.12 11.86
N PHE B 100 -6.92 -11.56 13.01
CA PHE B 100 -6.68 -12.97 13.26
C PHE B 100 -7.69 -13.48 14.29
N VAL B 101 -8.41 -14.54 13.94
CA VAL B 101 -9.32 -15.21 14.85
C VAL B 101 -8.74 -16.59 15.12
N MET B 102 -8.53 -16.89 16.40
CA MET B 102 -7.92 -18.16 16.79
C MET B 102 -8.98 -19.25 16.81
N THR B 103 -8.71 -20.35 16.10
CA THR B 103 -9.65 -21.46 15.98
C THR B 103 -9.14 -22.75 16.58
N ASN B 104 -7.85 -22.90 16.84
CA ASN B 104 -7.30 -24.09 17.44
C ASN B 104 -6.04 -23.69 18.20
N VAL B 105 -5.69 -24.45 19.23
CA VAL B 105 -4.64 -24.04 20.14
C VAL B 105 -3.94 -25.26 20.72
N ILE B 106 -2.65 -25.10 21.01
CA ILE B 106 -1.88 -26.03 21.83
C ILE B 106 -1.30 -25.22 22.98
N LEU B 107 -1.45 -25.72 24.21
CA LEU B 107 -1.08 -25.00 25.42
C LEU B 107 0.02 -25.75 26.15
N THR B 108 1.05 -25.02 26.58
CA THR B 108 2.09 -25.52 27.47
C THR B 108 2.18 -24.56 28.66
N MET B 109 1.63 -24.99 29.79
CA MET B 109 1.51 -24.09 30.96
C MET B 109 2.56 -24.39 32.02
N ASN B 110 2.91 -23.40 32.82
CA ASN B 110 3.83 -23.51 33.96
C ASN B 110 5.24 -23.86 33.52
N GLN B 111 5.76 -23.13 32.53
CA GLN B 111 7.09 -23.39 32.02
C GLN B 111 8.14 -22.62 32.81
N THR B 112 9.31 -23.22 32.96
CA THR B 112 10.44 -22.61 33.66
C THR B 112 11.73 -22.83 32.89
N GLN B 113 12.67 -21.92 33.08
CA GLN B 113 14.01 -22.11 32.55
C GLN B 113 14.72 -23.22 33.30
N GLY B 114 15.41 -24.08 32.55
CA GLY B 114 16.10 -25.18 33.16
C GLY B 114 16.49 -26.22 32.12
N LEU B 115 16.84 -27.40 32.61
CA LEU B 115 17.26 -28.51 31.78
C LEU B 115 16.16 -29.58 31.80
N CYS B 116 15.83 -30.10 30.62
CA CYS B 116 14.76 -31.08 30.49
C CYS B 116 14.98 -31.88 29.22
N PRO B 117 14.43 -33.09 29.15
CA PRO B 117 14.56 -33.89 27.93
C PRO B 117 13.76 -33.31 26.77
N GLU B 118 14.22 -33.62 25.56
CA GLU B 118 13.49 -33.29 24.36
C GLU B 118 12.34 -34.27 24.16
N ILE B 119 11.41 -33.88 23.30
CA ILE B 119 10.27 -34.75 22.96
C ILE B 119 10.80 -35.95 22.16
N PRO B 120 10.40 -37.18 22.49
CA PRO B 120 10.94 -38.33 21.76
C PRO B 120 10.66 -38.25 20.27
N ASP B 121 11.64 -38.67 19.48
CA ASP B 121 11.52 -38.73 18.03
C ASP B 121 12.79 -39.38 17.50
N ALA B 122 12.85 -39.57 16.18
CA ALA B 122 14.02 -40.20 15.58
C ALA B 122 15.29 -39.40 15.84
N THR B 123 15.20 -38.07 15.70
CA THR B 123 16.39 -37.24 15.85
C THR B 123 16.82 -37.12 17.31
N THR B 124 15.87 -36.89 18.22
CA THR B 124 16.22 -36.63 19.61
C THR B 124 16.62 -37.89 20.37
N VAL B 125 16.03 -39.04 20.03
CA VAL B 125 16.34 -40.26 20.76
C VAL B 125 17.83 -40.56 20.63
N CYS B 126 18.45 -40.88 21.77
CA CYS B 126 19.88 -41.13 21.82
C CYS B 126 20.14 -42.32 22.74
N LYS B 127 21.36 -42.84 22.68
CA LYS B 127 21.77 -43.98 23.48
C LYS B 127 23.18 -43.75 24.03
N SER B 128 23.36 -44.05 25.31
CA SER B 128 24.67 -44.04 25.96
C SER B 128 25.33 -42.66 25.94
N ASP B 129 24.56 -41.60 25.72
CA ASP B 129 25.08 -40.23 25.76
C ASP B 129 26.26 -40.07 24.80
N ALA B 130 26.06 -40.55 23.57
CA ALA B 130 27.11 -40.52 22.55
C ALA B 130 26.73 -39.67 21.35
N SER B 131 25.52 -39.83 20.81
CA SER B 131 25.12 -39.07 19.63
C SER B 131 24.79 -37.62 19.96
N CYS B 132 24.60 -37.30 21.24
CA CYS B 132 24.28 -35.92 21.62
C CYS B 132 25.50 -35.04 21.45
N THR B 133 25.30 -33.85 20.87
CA THR B 133 26.35 -32.87 20.69
C THR B 133 25.97 -31.59 21.43
N ALA B 134 26.87 -31.11 22.27
CA ALA B 134 26.59 -29.93 23.07
C ALA B 134 26.61 -28.67 22.20
N GLY B 135 25.69 -27.76 22.49
CA GLY B 135 25.64 -26.48 21.82
C GLY B 135 24.78 -26.44 20.57
N SER B 136 24.28 -27.58 20.11
CA SER B 136 23.49 -27.61 18.88
C SER B 136 22.04 -27.22 19.17
N ALA B 137 21.55 -26.21 18.46
CA ALA B 137 20.18 -25.77 18.65
C ALA B 137 19.19 -26.87 18.26
N GLY B 138 19.45 -27.55 17.14
CA GLY B 138 18.58 -28.61 16.67
C GLY B 138 17.47 -28.09 15.78
N THR B 139 16.71 -29.04 15.24
CA THR B 139 15.61 -28.70 14.34
C THR B 139 14.55 -27.88 15.05
N HIS B 140 14.22 -28.26 16.29
CA HIS B 140 13.15 -27.58 17.02
C HIS B 140 13.46 -26.11 17.25
N SER B 141 14.73 -25.77 17.44
CA SER B 141 15.15 -24.42 17.80
C SER B 141 14.45 -23.93 19.06
N ASN B 142 14.06 -24.87 19.92
CA ASN B 142 13.43 -24.55 21.20
C ASN B 142 14.41 -24.56 22.36
N GLY B 143 15.59 -25.14 22.19
CA GLY B 143 16.58 -25.18 23.24
C GLY B 143 17.96 -25.46 22.66
N VAL B 144 18.96 -25.35 23.53
CA VAL B 144 20.35 -25.62 23.17
C VAL B 144 20.77 -26.90 23.86
N SER B 145 21.23 -27.87 23.06
CA SER B 145 21.60 -29.17 23.60
C SER B 145 22.80 -29.05 24.53
N THR B 146 22.78 -29.82 25.62
CA THR B 146 23.87 -29.85 26.57
C THR B 146 24.82 -31.03 26.36
N GLY B 147 24.41 -32.06 25.63
CA GLY B 147 25.24 -33.21 25.38
C GLY B 147 25.16 -34.30 26.42
N ARG B 148 24.11 -34.31 27.24
CA ARG B 148 23.92 -35.31 28.29
C ARG B 148 22.60 -36.03 28.04
N CYS B 149 22.69 -37.32 27.73
CA CYS B 149 21.49 -38.13 27.57
C CYS B 149 20.74 -38.22 28.89
N VAL B 150 19.43 -38.00 28.82
CA VAL B 150 18.55 -38.04 29.99
C VAL B 150 17.27 -38.78 29.61
N ALA B 151 16.57 -39.27 30.61
CA ALA B 151 15.39 -40.10 30.39
C ALA B 151 14.13 -39.25 30.27
N PHE B 152 13.41 -39.41 29.15
CA PHE B 152 12.11 -38.78 29.01
C PHE B 152 11.05 -39.50 29.86
N ASN B 153 11.10 -40.82 29.89
CA ASN B 153 10.20 -41.62 30.70
C ASN B 153 10.89 -42.96 30.98
N GLY B 154 10.15 -43.89 31.58
CA GLY B 154 10.70 -45.20 31.87
C GLY B 154 11.03 -46.01 30.64
N SER B 155 10.49 -45.64 29.48
CA SER B 155 10.67 -46.42 28.25
C SER B 155 11.83 -45.90 27.41
N VAL B 156 11.78 -44.63 27.01
CA VAL B 156 12.73 -44.08 26.06
C VAL B 156 13.57 -42.99 26.73
N LYS B 157 14.73 -42.72 26.13
CA LYS B 157 15.65 -41.70 26.59
C LYS B 157 15.95 -40.74 25.43
N THR B 158 16.03 -39.46 25.74
CA THR B 158 16.23 -38.43 24.74
C THR B 158 17.32 -37.46 25.18
N CYS B 159 17.87 -36.72 24.22
CA CYS B 159 18.92 -35.75 24.51
C CYS B 159 18.37 -34.59 25.34
N GLU B 160 19.22 -34.08 26.21
CA GLU B 160 18.85 -32.98 27.10
C GLU B 160 19.10 -31.64 26.42
N VAL B 161 18.24 -30.67 26.73
CA VAL B 161 18.38 -29.31 26.21
C VAL B 161 18.16 -28.34 27.36
N ALA B 162 18.71 -27.13 27.20
CA ALA B 162 18.43 -26.01 28.08
C ALA B 162 17.39 -25.13 27.40
N ALA B 163 16.20 -25.07 27.96
CA ALA B 163 15.10 -24.34 27.35
C ALA B 163 14.07 -24.02 28.44
N TRP B 164 12.95 -23.43 28.02
CA TRP B 164 11.77 -23.39 28.87
C TRP B 164 11.19 -24.79 28.97
N CYS B 165 10.93 -25.25 30.18
CA CYS B 165 10.59 -26.64 30.40
C CYS B 165 9.30 -26.76 31.19
N PRO B 166 8.45 -27.76 30.89
CA PRO B 166 8.62 -28.78 29.85
C PRO B 166 8.44 -28.26 28.43
N VAL B 167 9.11 -28.89 27.47
CA VAL B 167 9.08 -28.41 26.09
C VAL B 167 7.70 -28.66 25.49
N GLU B 168 7.38 -27.86 24.47
CA GLU B 168 6.10 -27.98 23.80
C GLU B 168 6.05 -29.22 22.93
N ASP B 169 4.92 -29.92 22.97
CA ASP B 169 4.65 -31.10 22.15
C ASP B 169 3.56 -30.72 21.16
N ASP B 170 3.98 -30.28 19.97
CA ASP B 170 3.08 -29.80 18.93
C ASP B 170 2.89 -30.81 17.82
N THR B 171 2.84 -32.10 18.15
CA THR B 171 2.70 -33.16 17.16
C THR B 171 1.25 -33.54 16.91
N HIS B 172 0.37 -33.41 17.90
CA HIS B 172 -1.03 -33.83 17.81
C HIS B 172 -1.91 -32.58 17.83
N VAL B 173 -2.24 -32.09 16.65
CA VAL B 173 -3.16 -30.94 16.55
C VAL B 173 -4.58 -31.41 16.83
N PRO B 174 -5.32 -30.76 17.74
CA PRO B 174 -6.67 -31.22 18.04
C PRO B 174 -7.56 -31.24 16.80
N GLN B 175 -8.44 -32.23 16.74
CA GLN B 175 -9.35 -32.39 15.62
C GLN B 175 -10.66 -33.01 16.11
N PRO B 176 -11.82 -32.34 15.93
CA PRO B 176 -12.04 -31.07 15.23
C PRO B 176 -11.47 -29.86 15.96
N ALA B 177 -11.43 -28.72 15.28
CA ALA B 177 -10.84 -27.52 15.84
C ALA B 177 -11.41 -27.22 17.20
N PHE B 178 -10.66 -26.44 17.99
CA PHE B 178 -11.05 -26.18 19.37
C PHE B 178 -12.16 -25.12 19.43
N LEU B 179 -11.99 -24.00 18.72
CA LEU B 179 -13.06 -23.03 18.52
C LEU B 179 -13.68 -23.27 17.14
N LYS B 180 -14.47 -24.33 17.04
CA LYS B 180 -15.21 -24.61 15.82
C LYS B 180 -16.49 -23.80 15.72
N ALA B 181 -16.91 -23.15 16.80
CA ALA B 181 -18.06 -22.25 16.76
C ALA B 181 -17.73 -20.90 16.16
N ALA B 182 -16.46 -20.62 15.88
CA ALA B 182 -16.05 -19.39 15.22
C ALA B 182 -16.63 -19.34 13.82
N GLU B 183 -17.10 -20.49 13.32
CA GLU B 183 -17.81 -20.52 12.05
C GLU B 183 -18.93 -19.50 12.03
N ASN B 184 -19.53 -19.22 13.19
CA ASN B 184 -20.82 -18.55 13.25
C ASN B 184 -20.67 -17.09 13.65
N PHE B 185 -19.43 -16.63 13.82
CA PHE B 185 -19.17 -15.25 14.19
C PHE B 185 -19.38 -14.33 13.00
N THR B 186 -19.53 -13.04 13.29
CA THR B 186 -19.77 -12.03 12.26
C THR B 186 -18.64 -11.01 12.28
N LEU B 187 -18.24 -10.56 11.10
CA LEU B 187 -17.21 -9.55 10.93
C LEU B 187 -17.82 -8.33 10.27
N LEU B 188 -17.55 -7.16 10.85
CA LEU B 188 -17.98 -5.87 10.30
C LEU B 188 -16.76 -5.17 9.72
N VAL B 189 -16.86 -4.78 8.45
CA VAL B 189 -15.79 -4.08 7.74
C VAL B 189 -16.29 -2.69 7.41
N LYS B 190 -15.61 -1.66 7.93
CA LYS B 190 -15.88 -0.27 7.60
C LYS B 190 -14.73 0.25 6.77
N ASN B 191 -15.04 0.73 5.57
CA ASN B 191 -14.04 1.14 4.60
C ASN B 191 -14.35 2.55 4.12
N ASN B 192 -13.40 3.46 4.30
CA ASN B 192 -13.49 4.82 3.81
C ASN B 192 -12.41 5.03 2.77
N ILE B 193 -12.81 5.45 1.56
CA ILE B 193 -11.88 5.59 0.45
C ILE B 193 -11.71 7.06 0.11
N TRP B 194 -10.64 7.34 -0.63
CA TRP B 194 -10.29 8.70 -1.02
C TRP B 194 -9.57 8.65 -2.36
N TYR B 195 -9.96 9.55 -3.26
CA TYR B 195 -9.25 9.74 -4.52
C TYR B 195 -8.63 11.14 -4.51
N PRO B 196 -7.35 11.28 -4.15
CA PRO B 196 -6.77 12.62 -4.02
C PRO B 196 -6.81 13.44 -5.30
N LYS B 197 -6.67 12.81 -6.46
CA LYS B 197 -6.64 13.56 -7.71
C LYS B 197 -7.96 14.29 -7.95
N PHE B 198 -9.08 13.61 -7.73
CA PHE B 198 -10.40 14.17 -7.99
C PHE B 198 -11.07 14.74 -6.75
N ASN B 199 -10.42 14.68 -5.59
CA ASN B 199 -11.01 15.14 -4.33
C ASN B 199 -12.38 14.50 -4.14
N PHE B 200 -12.38 13.17 -4.03
CA PHE B 200 -13.61 12.38 -3.91
C PHE B 200 -13.44 11.39 -2.78
N SER B 201 -14.42 11.37 -1.87
CA SER B 201 -14.41 10.48 -0.73
C SER B 201 -15.74 9.75 -0.62
N LYS B 202 -15.69 8.51 -0.16
CA LYS B 202 -16.89 7.72 0.08
C LYS B 202 -16.57 6.62 1.08
N ARG B 203 -17.62 6.08 1.69
CA ARG B 203 -17.48 4.98 2.64
C ARG B 203 -18.43 3.86 2.24
N ASN B 204 -18.07 2.63 2.64
CA ASN B 204 -18.76 1.44 2.18
C ASN B 204 -20.16 1.27 2.76
N ILE B 205 -20.51 2.05 3.77
CA ILE B 205 -21.88 2.09 4.29
C ILE B 205 -22.62 3.16 3.52
N LEU B 206 -23.51 2.76 2.61
CA LEU B 206 -24.11 3.68 1.67
C LEU B 206 -25.11 4.59 2.37
N PRO B 207 -25.45 5.72 1.75
CA PRO B 207 -26.41 6.64 2.38
C PRO B 207 -27.76 6.02 2.68
N ASN B 208 -28.24 5.09 1.85
CA ASN B 208 -29.55 4.49 2.06
C ASN B 208 -29.51 3.31 3.03
N ILE B 209 -28.34 2.96 3.55
CA ILE B 209 -28.21 1.94 4.58
C ILE B 209 -28.46 2.60 5.93
N THR B 210 -29.59 2.27 6.56
CA THR B 210 -30.01 2.88 7.84
C THR B 210 -29.39 2.12 9.00
N THR B 211 -29.48 2.65 10.22
CA THR B 211 -28.93 2.02 11.41
C THR B 211 -29.74 0.79 11.81
N THR B 212 -31.05 0.81 11.59
CA THR B 212 -31.88 -0.35 11.90
C THR B 212 -31.49 -1.53 11.02
N TYR B 213 -31.19 -1.27 9.75
CA TYR B 213 -30.84 -2.34 8.82
C TYR B 213 -29.54 -3.02 9.23
N LEU B 214 -28.56 -2.25 9.70
CA LEU B 214 -27.26 -2.78 10.06
C LEU B 214 -27.29 -3.66 11.31
N LYS B 215 -28.36 -3.63 12.08
CA LYS B 215 -28.42 -4.38 13.34
C LYS B 215 -28.74 -5.85 13.13
N SER B 216 -29.23 -6.25 11.95
CA SER B 216 -29.61 -7.64 11.74
C SER B 216 -29.23 -8.17 10.35
N CYS B 217 -28.48 -7.42 9.55
CA CYS B 217 -28.16 -7.85 8.20
C CYS B 217 -26.88 -8.67 8.18
N ILE B 218 -26.87 -9.67 7.29
CA ILE B 218 -25.68 -10.44 6.98
C ILE B 218 -25.48 -10.39 5.47
N TYR B 219 -24.23 -10.21 5.03
CA TYR B 219 -23.95 -10.04 3.61
C TYR B 219 -24.45 -11.24 2.81
N ASP B 220 -25.00 -10.94 1.63
CA ASP B 220 -25.43 -11.96 0.68
C ASP B 220 -25.51 -11.30 -0.68
N ALA B 221 -24.71 -11.78 -1.63
CA ALA B 221 -24.57 -11.07 -2.90
C ALA B 221 -25.91 -10.87 -3.58
N LYS B 222 -26.77 -11.89 -3.57
CA LYS B 222 -28.05 -11.78 -4.26
C LYS B 222 -29.05 -10.90 -3.49
N THR B 223 -29.12 -11.05 -2.17
CA THR B 223 -30.14 -10.38 -1.38
C THR B 223 -29.64 -9.12 -0.69
N ASP B 224 -28.47 -9.17 -0.04
CA ASP B 224 -27.91 -8.05 0.70
C ASP B 224 -26.50 -7.79 0.21
N PRO B 225 -26.34 -7.25 -0.99
CA PRO B 225 -24.99 -7.04 -1.54
C PRO B 225 -24.24 -5.85 -0.96
N PHE B 226 -24.86 -5.10 -0.03
CA PHE B 226 -24.23 -3.91 0.53
C PHE B 226 -24.29 -3.88 2.06
N CYS B 227 -24.58 -5.00 2.69
CA CYS B 227 -24.41 -5.11 4.13
C CYS B 227 -22.95 -5.43 4.44
N PRO B 228 -22.22 -4.58 5.17
CA PRO B 228 -20.79 -4.82 5.36
C PRO B 228 -20.48 -5.77 6.50
N ILE B 229 -21.48 -6.52 6.94
CA ILE B 229 -21.32 -7.49 8.02
C ILE B 229 -21.30 -8.89 7.41
N PHE B 230 -20.21 -9.62 7.63
CA PHE B 230 -20.00 -10.93 7.05
C PHE B 230 -19.92 -11.99 8.14
N ARG B 231 -20.36 -13.20 7.81
CA ARG B 231 -20.22 -14.35 8.67
C ARG B 231 -18.98 -15.15 8.23
N LEU B 232 -18.13 -15.51 9.18
CA LEU B 232 -16.83 -16.07 8.84
C LEU B 232 -16.97 -17.39 8.08
N GLY B 233 -17.88 -18.25 8.53
CA GLY B 233 -18.10 -19.50 7.82
C GLY B 233 -18.54 -19.27 6.39
N LYS B 234 -19.42 -18.29 6.18
CA LYS B 234 -19.88 -18.00 4.83
C LYS B 234 -18.82 -17.29 4.01
N ILE B 235 -17.93 -16.53 4.64
CA ILE B 235 -16.78 -15.98 3.92
C ILE B 235 -15.92 -17.10 3.38
N VAL B 236 -15.62 -18.09 4.22
CA VAL B 236 -14.78 -19.21 3.77
C VAL B 236 -15.52 -20.02 2.71
N GLU B 237 -16.83 -20.19 2.87
CA GLU B 237 -17.62 -20.94 1.89
C GLU B 237 -17.65 -20.25 0.54
N ASN B 238 -17.79 -18.92 0.53
CA ASN B 238 -17.86 -18.17 -0.73
C ASN B 238 -16.54 -18.16 -1.48
N ALA B 239 -15.45 -18.59 -0.86
CA ALA B 239 -14.17 -18.75 -1.52
C ALA B 239 -13.96 -20.17 -2.05
N GLY B 240 -14.95 -21.04 -1.91
CA GLY B 240 -14.84 -22.40 -2.39
C GLY B 240 -14.20 -23.38 -1.43
N HIS B 241 -14.22 -23.08 -0.13
CA HIS B 241 -13.55 -23.93 0.85
C HIS B 241 -14.48 -24.26 2.00
N SER B 242 -13.95 -24.92 3.04
CA SER B 242 -14.72 -25.34 4.19
C SER B 242 -14.09 -24.76 5.46
N PHE B 243 -14.93 -24.19 6.33
CA PHE B 243 -14.40 -23.57 7.55
C PHE B 243 -13.88 -24.63 8.51
N GLN B 244 -14.60 -25.74 8.66
CA GLN B 244 -14.19 -26.76 9.62
C GLN B 244 -12.85 -27.37 9.25
N ASP B 245 -12.66 -27.70 7.97
CA ASP B 245 -11.37 -28.23 7.52
C ASP B 245 -10.28 -27.19 7.66
N MET B 246 -10.57 -25.94 7.30
CA MET B 246 -9.59 -24.88 7.33
C MET B 246 -9.24 -24.42 8.74
N ALA B 247 -10.04 -24.77 9.74
CA ALA B 247 -9.85 -24.29 11.10
C ALA B 247 -8.90 -25.16 11.92
N VAL B 248 -8.66 -26.39 11.50
CA VAL B 248 -7.77 -27.27 12.26
C VAL B 248 -6.34 -26.76 12.24
N GLU B 249 -5.86 -26.35 11.06
CA GLU B 249 -4.50 -25.84 10.91
C GLU B 249 -4.43 -24.36 10.61
N GLY B 250 -5.56 -23.71 10.31
CA GLY B 250 -5.58 -22.30 10.01
C GLY B 250 -5.36 -22.00 8.54
N GLY B 251 -5.36 -20.71 8.24
CA GLY B 251 -5.15 -20.26 6.88
C GLY B 251 -5.26 -18.75 6.79
N ILE B 252 -5.29 -18.26 5.56
CA ILE B 252 -5.39 -16.84 5.29
C ILE B 252 -6.48 -16.63 4.26
N MET B 253 -7.45 -15.76 4.58
CA MET B 253 -8.52 -15.38 3.68
C MET B 253 -8.42 -13.90 3.36
N GLY B 254 -8.58 -13.56 2.09
CA GLY B 254 -8.62 -12.17 1.66
C GLY B 254 -10.05 -11.75 1.38
N ILE B 255 -10.46 -10.67 2.04
CA ILE B 255 -11.72 -9.99 1.74
C ILE B 255 -11.37 -8.82 0.83
N GLN B 256 -11.86 -8.85 -0.40
CA GLN B 256 -11.39 -7.99 -1.46
C GLN B 256 -12.49 -7.00 -1.83
N VAL B 257 -12.23 -5.72 -1.60
CA VAL B 257 -13.18 -4.65 -1.88
C VAL B 257 -12.73 -3.94 -3.14
N ASN B 258 -13.61 -3.89 -4.14
CA ASN B 258 -13.31 -3.29 -5.44
C ASN B 258 -14.08 -1.98 -5.56
N TRP B 259 -13.35 -0.90 -5.82
CA TRP B 259 -13.92 0.43 -6.07
C TRP B 259 -13.53 0.85 -7.47
N ASP B 260 -14.30 0.42 -8.46
CA ASP B 260 -14.08 0.77 -9.86
C ASP B 260 -15.32 1.54 -10.32
N CYS B 261 -15.30 2.85 -10.12
CA CYS B 261 -16.45 3.69 -10.42
C CYS B 261 -16.03 4.86 -11.31
N ASN B 262 -16.90 5.19 -12.26
CA ASN B 262 -16.68 6.30 -13.18
C ASN B 262 -17.26 7.56 -12.56
N LEU B 263 -16.41 8.58 -12.38
CA LEU B 263 -16.82 9.81 -11.73
C LEU B 263 -17.51 10.78 -12.67
N ASP B 264 -17.63 10.45 -13.96
CA ASP B 264 -18.44 11.24 -14.86
C ASP B 264 -19.93 11.07 -14.60
N ARG B 265 -20.31 10.09 -13.78
CA ARG B 265 -21.70 9.81 -13.44
C ARG B 265 -21.97 10.26 -12.01
N ALA B 266 -23.18 9.97 -11.53
CA ALA B 266 -23.56 10.36 -10.18
C ALA B 266 -22.66 9.66 -9.15
N ALA B 267 -22.41 10.37 -8.04
CA ALA B 267 -21.59 9.82 -6.97
C ALA B 267 -22.29 8.68 -6.24
N SER B 268 -23.58 8.46 -6.47
CA SER B 268 -24.31 7.37 -5.85
C SER B 268 -24.08 6.03 -6.54
N LEU B 269 -23.36 6.02 -7.66
CA LEU B 269 -23.06 4.79 -8.38
C LEU B 269 -21.67 4.25 -8.10
N CYS B 270 -20.91 4.90 -7.23
CA CYS B 270 -19.58 4.41 -6.84
C CYS B 270 -19.76 3.47 -5.66
N LEU B 271 -19.95 2.19 -5.98
CA LEU B 271 -20.31 1.17 -5.02
C LEU B 271 -19.19 0.14 -4.87
N PRO B 272 -19.05 -0.48 -3.70
CA PRO B 272 -18.04 -1.53 -3.54
C PRO B 272 -18.55 -2.92 -3.91
N ARG B 273 -17.63 -3.72 -4.44
CA ARG B 273 -17.91 -5.11 -4.79
C ARG B 273 -16.98 -6.01 -3.98
N TYR B 274 -17.56 -7.01 -3.35
CA TYR B 274 -16.84 -7.89 -2.42
C TYR B 274 -16.58 -9.24 -3.07
N SER B 275 -15.31 -9.66 -3.05
CA SER B 275 -14.91 -10.98 -3.49
C SER B 275 -13.98 -11.58 -2.43
N PHE B 276 -13.94 -12.91 -2.39
CA PHE B 276 -13.20 -13.64 -1.38
C PHE B 276 -12.24 -14.61 -2.04
N ARG B 277 -11.02 -14.67 -1.53
CA ARG B 277 -9.96 -15.49 -2.10
C ARG B 277 -9.07 -16.01 -0.99
N ARG B 278 -8.64 -17.26 -1.11
CA ARG B 278 -7.71 -17.85 -0.16
C ARG B 278 -6.28 -17.52 -0.57
N LEU B 279 -5.51 -16.97 0.38
CA LEU B 279 -4.16 -16.50 0.12
C LEU B 279 -3.10 -17.47 0.61
N ASP B 280 -3.48 -18.69 0.97
CA ASP B 280 -2.54 -19.73 1.35
C ASP B 280 -2.78 -20.95 0.48
N THR B 281 -1.71 -21.69 0.21
CA THR B 281 -1.71 -22.79 -0.75
C THR B 281 -1.53 -24.12 -0.04
N ARG B 282 -2.32 -25.11 -0.45
CA ARG B 282 -2.24 -26.47 0.08
C ARG B 282 -1.39 -27.30 -0.88
N ASP B 283 -0.13 -27.49 -0.53
CA ASP B 283 0.79 -28.30 -1.33
C ASP B 283 1.70 -29.05 -0.38
N VAL B 284 1.64 -30.38 -0.42
CA VAL B 284 2.42 -31.21 0.48
C VAL B 284 3.74 -31.65 -0.15
N GLU B 285 4.13 -31.04 -1.27
CA GLU B 285 5.41 -31.35 -1.91
C GLU B 285 6.29 -30.13 -2.16
N HIS B 286 5.72 -28.92 -2.17
CA HIS B 286 6.49 -27.70 -2.44
C HIS B 286 6.07 -26.59 -1.49
N ASN B 287 5.92 -26.91 -0.20
CA ASN B 287 5.47 -25.94 0.77
C ASN B 287 6.27 -26.10 2.07
N VAL B 288 6.39 -24.99 2.80
CA VAL B 288 7.04 -24.97 4.11
C VAL B 288 6.16 -24.15 5.05
N SER B 289 5.96 -24.67 6.26
CA SER B 289 5.10 -24.02 7.25
C SER B 289 3.70 -23.84 6.69
N PRO B 290 2.95 -24.92 6.50
CA PRO B 290 1.60 -24.80 5.93
C PRO B 290 0.61 -24.23 6.93
N GLY B 291 -0.63 -24.09 6.46
CA GLY B 291 -1.67 -23.52 7.31
C GLY B 291 -1.33 -22.11 7.74
N TYR B 292 -1.56 -21.82 9.02
CA TYR B 292 -1.19 -20.53 9.59
C TYR B 292 -1.24 -20.62 11.10
N ASN B 293 -0.17 -20.20 11.76
CA ASN B 293 -0.10 -20.21 13.21
C ASN B 293 1.05 -19.31 13.65
N PHE B 294 1.11 -19.04 14.95
CA PHE B 294 2.23 -18.35 15.55
C PHE B 294 2.26 -18.65 17.03
N ARG B 295 3.40 -18.37 17.65
CA ARG B 295 3.63 -18.64 19.06
C ARG B 295 3.77 -17.33 19.81
N PHE B 296 3.00 -17.17 20.89
CA PHE B 296 3.17 -16.08 21.84
C PHE B 296 3.14 -16.68 23.24
N ALA B 297 3.56 -15.88 24.22
CA ALA B 297 3.71 -16.35 25.58
C ALA B 297 3.03 -15.41 26.57
N LYS B 298 2.57 -15.99 27.67
CA LYS B 298 2.07 -15.26 28.82
C LYS B 298 3.07 -15.42 29.95
N TYR B 299 3.50 -14.31 30.54
CA TYR B 299 4.53 -14.32 31.57
C TYR B 299 3.91 -14.04 32.93
N TYR B 300 4.26 -14.86 33.92
CA TYR B 300 3.77 -14.75 35.28
C TYR B 300 4.98 -14.76 36.22
N ARG B 301 4.70 -14.74 37.53
CA ARG B 301 5.73 -14.79 38.55
C ARG B 301 5.32 -15.77 39.63
N ASP B 302 6.24 -16.68 39.98
CA ASP B 302 6.02 -17.58 41.09
C ASP B 302 6.14 -16.81 42.42
N LEU B 303 5.50 -17.35 43.45
CA LEU B 303 5.52 -16.69 44.76
C LEU B 303 6.96 -16.46 45.22
N ALA B 304 7.86 -17.39 44.89
CA ALA B 304 9.27 -17.20 45.23
C ALA B 304 9.92 -16.09 44.41
N GLY B 305 9.25 -15.60 43.37
CA GLY B 305 9.75 -14.53 42.54
C GLY B 305 10.29 -14.97 41.19
N ASN B 306 10.40 -16.26 40.94
CA ASN B 306 10.88 -16.74 39.65
C ASN B 306 9.85 -16.45 38.56
N GLU B 307 10.29 -16.59 37.32
CA GLU B 307 9.47 -16.26 36.15
C GLU B 307 8.89 -17.52 35.55
N GLN B 308 7.57 -17.55 35.40
CA GLN B 308 6.84 -18.61 34.73
C GLN B 308 6.41 -18.12 33.35
N ARG B 309 5.96 -19.04 32.50
CA ARG B 309 5.32 -18.63 31.27
C ARG B 309 4.40 -19.74 30.78
N THR B 310 3.36 -19.33 30.05
CA THR B 310 2.50 -20.24 29.30
C THR B 310 2.77 -20.01 27.82
N LEU B 311 3.18 -21.06 27.12
CA LEU B 311 3.43 -20.98 25.69
C LEU B 311 2.18 -21.40 24.93
N ILE B 312 1.68 -20.51 24.08
CA ILE B 312 0.50 -20.78 23.27
C ILE B 312 0.93 -20.85 21.81
N LYS B 313 0.63 -21.98 21.16
CA LYS B 313 0.70 -22.09 19.71
C LYS B 313 -0.72 -21.94 19.18
N ALA B 314 -0.99 -20.81 18.52
CA ALA B 314 -2.33 -20.44 18.11
C ALA B 314 -2.49 -20.70 16.62
N TYR B 315 -3.35 -21.65 16.27
CA TYR B 315 -3.82 -21.83 14.91
C TYR B 315 -5.10 -21.03 14.71
N GLY B 316 -5.27 -20.49 13.52
CA GLY B 316 -6.46 -19.72 13.22
C GLY B 316 -6.40 -19.18 11.81
N ILE B 317 -7.43 -18.42 11.47
CA ILE B 317 -7.58 -17.84 10.13
C ILE B 317 -7.32 -16.35 10.23
N ARG B 318 -6.44 -15.85 9.36
CA ARG B 318 -6.18 -14.43 9.21
C ARG B 318 -7.06 -13.87 8.10
N PHE B 319 -7.75 -12.77 8.38
CA PHE B 319 -8.63 -12.13 7.42
C PHE B 319 -8.00 -10.81 6.99
N ASP B 320 -7.48 -10.76 5.78
CA ASP B 320 -6.90 -9.55 5.22
C ASP B 320 -7.93 -8.83 4.37
N ILE B 321 -8.03 -7.52 4.56
CA ILE B 321 -8.91 -6.67 3.77
C ILE B 321 -8.08 -5.99 2.69
N ILE B 322 -8.41 -6.28 1.44
CA ILE B 322 -7.66 -5.77 0.29
C ILE B 322 -8.59 -4.85 -0.47
N VAL B 323 -8.23 -3.56 -0.53
CA VAL B 323 -9.03 -2.55 -1.20
C VAL B 323 -8.24 -2.05 -2.40
N PHE B 324 -8.84 -2.16 -3.59
CA PHE B 324 -8.21 -1.72 -4.82
C PHE B 324 -9.26 -1.13 -5.73
N GLY B 325 -8.81 -0.40 -6.73
CA GLY B 325 -9.69 0.14 -7.75
C GLY B 325 -9.19 1.48 -8.25
N LYS B 326 -9.72 1.88 -9.40
CA LYS B 326 -9.36 3.15 -10.03
C LYS B 326 -10.63 3.90 -10.42
N ALA B 327 -10.60 5.21 -10.22
CA ALA B 327 -11.67 6.10 -10.67
C ALA B 327 -11.29 6.72 -12.00
N GLY B 328 -12.31 7.12 -12.74
CA GLY B 328 -12.09 7.74 -14.04
C GLY B 328 -12.92 8.98 -14.25
N LYS B 329 -12.30 10.04 -14.75
CA LYS B 329 -12.97 11.28 -15.07
C LYS B 329 -12.50 11.76 -16.43
N PHE B 330 -13.39 12.45 -17.15
CA PHE B 330 -13.06 12.91 -18.49
C PHE B 330 -11.87 13.87 -18.44
N ASP B 331 -10.93 13.68 -19.37
CA ASP B 331 -9.78 14.55 -19.51
C ASP B 331 -9.56 14.82 -21.00
N ILE B 332 -9.05 16.01 -21.31
CA ILE B 332 -8.94 16.43 -22.70
C ILE B 332 -7.65 15.91 -23.34
N ILE B 333 -6.61 15.66 -22.55
CA ILE B 333 -5.32 15.23 -23.09
C ILE B 333 -5.45 13.88 -23.78
N PRO B 334 -5.93 12.83 -23.11
CA PRO B 334 -6.13 11.55 -23.80
C PRO B 334 -7.10 11.63 -24.97
N THR B 335 -8.15 12.44 -24.84
CA THR B 335 -9.10 12.61 -25.94
C THR B 335 -8.40 13.13 -27.19
N MET B 336 -7.61 14.21 -27.04
CA MET B 336 -6.92 14.79 -28.17
C MET B 336 -5.85 13.84 -28.70
N ILE B 337 -5.18 13.09 -27.82
CA ILE B 337 -4.20 12.12 -28.26
C ILE B 337 -4.85 11.07 -29.15
N ASN B 338 -5.99 10.53 -28.70
CA ASN B 338 -6.68 9.51 -29.48
C ASN B 338 -7.18 10.06 -30.80
N ILE B 339 -7.70 11.30 -30.79
CA ILE B 339 -8.20 11.91 -32.02
C ILE B 339 -7.06 12.09 -33.02
N GLY B 340 -5.92 12.59 -32.55
CA GLY B 340 -4.78 12.76 -33.44
C GLY B 340 -4.26 11.43 -33.97
N SER B 341 -4.23 10.41 -33.12
CA SER B 341 -3.78 9.09 -33.56
C SER B 341 -4.71 8.53 -34.63
N GLY B 342 -6.03 8.70 -34.45
CA GLY B 342 -6.95 8.26 -35.48
C GLY B 342 -6.78 9.02 -36.78
N LEU B 343 -6.58 10.33 -36.68
CA LEU B 343 -6.34 11.12 -37.88
C LEU B 343 -5.09 10.64 -38.62
N ALA B 344 -4.03 10.32 -37.88
CA ALA B 344 -2.83 9.79 -38.51
C ALA B 344 -3.09 8.42 -39.14
N LEU B 345 -3.84 7.55 -38.44
CA LEU B 345 -4.12 6.22 -38.94
C LEU B 345 -5.00 6.24 -40.18
N LEU B 346 -5.79 7.29 -40.38
CA LEU B 346 -6.66 7.34 -41.55
C LEU B 346 -5.87 7.35 -42.86
N GLY B 347 -4.57 7.64 -42.83
CA GLY B 347 -3.75 7.63 -44.03
C GLY B 347 -3.31 6.26 -44.50
N MET B 348 -3.48 5.23 -43.65
CA MET B 348 -3.14 3.88 -44.06
C MET B 348 -4.03 3.43 -45.22
N ALA B 349 -5.30 3.83 -45.20
CA ALA B 349 -6.19 3.50 -46.31
C ALA B 349 -5.67 4.11 -47.60
N THR B 350 -5.25 5.37 -47.56
CA THR B 350 -4.70 6.02 -48.74
C THR B 350 -3.44 5.28 -49.22
N VAL B 351 -2.57 4.89 -48.29
CA VAL B 351 -1.35 4.20 -48.68
C VAL B 351 -1.68 2.89 -49.38
N LEU B 352 -2.55 2.08 -48.78
CA LEU B 352 -2.89 0.78 -49.36
C LEU B 352 -3.57 0.93 -50.70
N CYS B 353 -4.50 1.88 -50.82
CA CYS B 353 -5.20 2.08 -52.09
C CYS B 353 -4.25 2.59 -53.16
N ASP B 354 -3.28 3.43 -52.79
CA ASP B 354 -2.27 3.86 -53.75
C ASP B 354 -1.45 2.68 -54.23
N ILE B 355 -1.06 1.79 -53.32
CA ILE B 355 -0.31 0.60 -53.72
C ILE B 355 -1.13 -0.21 -54.73
N ILE B 356 -2.41 -0.45 -54.40
CA ILE B 356 -3.26 -1.24 -55.29
C ILE B 356 -3.38 -0.57 -56.64
N VAL B 357 -3.58 0.75 -56.65
CA VAL B 357 -3.82 1.47 -57.90
C VAL B 357 -2.57 1.49 -58.77
N LEU B 358 -1.40 1.66 -58.15
CA LEU B 358 -0.17 1.85 -58.91
C LEU B 358 0.55 0.56 -59.25
N TYR B 359 0.19 -0.56 -58.61
CA TYR B 359 0.89 -1.82 -58.85
C TYR B 359 -0.01 -3.01 -59.16
N CYS B 360 -1.34 -2.85 -59.11
CA CYS B 360 -2.26 -3.96 -59.31
C CYS B 360 -3.41 -3.57 -60.23
N MET B 361 -3.09 -2.94 -61.36
CA MET B 361 -4.07 -2.61 -62.37
C MET B 361 -3.43 -2.62 -63.75
N LYS B 362 -4.28 -2.68 -64.78
CA LYS B 362 -3.81 -2.59 -66.15
C LYS B 362 -3.48 -1.15 -66.53
N LYS B 363 -4.20 -0.18 -65.96
CA LYS B 363 -3.97 1.27 -66.21
C LYS B 363 -3.05 1.82 -65.10
N ARG B 364 -2.20 0.98 -64.54
CA ARG B 364 -1.32 1.40 -63.42
C ARG B 364 -0.27 2.38 -63.92
N LEU B 365 -0.07 2.48 -65.24
CA LEU B 365 0.93 3.39 -65.87
C LEU B 365 0.24 4.71 -66.19
N TYR B 366 -1.08 4.73 -66.41
CA TYR B 366 -1.82 5.98 -66.58
C TYR B 366 -1.94 6.73 -65.27
N TYR B 367 -2.28 6.01 -64.19
CA TYR B 367 -2.41 6.65 -62.88
C TYR B 367 -1.06 7.09 -62.33
N ARG B 368 0.01 6.34 -62.63
CA ARG B 368 1.35 6.79 -62.23
C ARG B 368 1.71 8.08 -62.92
N GLU B 369 1.41 8.19 -64.22
CA GLU B 369 1.70 9.43 -64.95
C GLU B 369 0.86 10.58 -64.42
N LYS B 370 -0.40 10.32 -64.07
CA LYS B 370 -1.28 11.39 -63.59
C LYS B 370 -0.87 11.86 -62.20
N LYS B 371 -0.55 10.92 -61.29
CA LYS B 371 -0.30 11.28 -59.90
C LYS B 371 1.06 11.94 -59.72
N TYR B 372 2.10 11.40 -60.36
CA TYR B 372 3.46 11.86 -60.17
C TYR B 372 3.88 12.76 -61.33
N LYS B 373 4.38 13.96 -60.99
CA LYS B 373 4.83 14.99 -61.97
C LYS B 373 6.34 15.17 -61.79
N TYR B 374 7.16 14.87 -62.80
CA TYR B 374 8.61 14.84 -62.72
C TYR B 374 9.18 16.21 -63.07
N VAL B 375 10.08 16.69 -62.24
CA VAL B 375 10.79 17.96 -62.46
C VAL B 375 12.18 17.60 -62.98
N GLU B 376 12.38 17.75 -64.28
CA GLU B 376 13.65 17.40 -64.91
C GLU B 376 14.74 18.37 -64.49
N GLY C 3 -28.58 15.96 -57.16
CA GLY C 3 -28.89 14.55 -56.96
C GLY C 3 -28.16 13.95 -55.77
N CYS C 4 -28.91 13.68 -54.70
CA CYS C 4 -28.30 13.10 -53.51
C CYS C 4 -27.71 11.72 -53.80
N CYS C 5 -28.44 10.89 -54.56
CA CYS C 5 -27.95 9.56 -54.88
C CYS C 5 -26.67 9.63 -55.70
N ALA C 6 -26.64 10.52 -56.70
CA ALA C 6 -25.44 10.68 -57.52
C ALA C 6 -24.26 11.14 -56.69
N ALA C 7 -24.48 12.09 -55.78
CA ALA C 7 -23.41 12.56 -54.91
C ALA C 7 -22.89 11.44 -54.02
N LEU C 8 -23.81 10.64 -53.45
CA LEU C 8 -23.39 9.52 -52.62
C LEU C 8 -22.58 8.51 -53.41
N ALA C 9 -23.02 8.20 -54.64
CA ALA C 9 -22.26 7.27 -55.47
C ALA C 9 -20.88 7.82 -55.78
N ALA C 10 -20.78 9.10 -56.13
CA ALA C 10 -19.48 9.70 -56.41
C ALA C 10 -18.58 9.63 -55.17
N PHE C 11 -19.14 9.92 -54.00
CA PHE C 11 -18.35 9.85 -52.78
C PHE C 11 -17.87 8.43 -52.51
N LEU C 12 -18.71 7.44 -52.77
CA LEU C 12 -18.35 6.05 -52.51
C LEU C 12 -17.54 5.41 -53.63
N PHE C 13 -17.67 5.90 -54.86
CA PHE C 13 -17.09 5.23 -56.02
C PHE C 13 -15.96 6.04 -56.67
N GLU C 14 -15.36 6.97 -55.93
CA GLU C 14 -14.24 7.76 -56.43
C GLU C 14 -13.12 7.75 -55.41
N TYR C 15 -11.89 7.61 -55.89
CA TYR C 15 -10.70 7.57 -55.05
C TYR C 15 -9.93 8.88 -55.22
N ASP C 16 -9.55 9.48 -54.10
CA ASP C 16 -8.85 10.77 -54.08
C ASP C 16 -7.45 10.56 -53.53
N THR C 17 -6.44 10.98 -54.29
CA THR C 17 -5.05 10.86 -53.88
C THR C 17 -4.32 12.17 -54.19
N PRO C 18 -3.36 12.55 -53.34
CA PRO C 18 -2.65 13.82 -53.59
C PRO C 18 -1.76 13.76 -54.82
N ARG C 19 -1.54 14.94 -55.40
CA ARG C 19 -0.64 15.09 -56.54
C ARG C 19 0.76 15.36 -56.03
N ILE C 20 1.74 14.60 -56.52
CA ILE C 20 3.09 14.63 -56.00
C ILE C 20 4.03 15.21 -57.06
N VAL C 21 5.12 15.80 -56.59
CA VAL C 21 6.17 16.36 -57.43
C VAL C 21 7.45 15.62 -57.12
N LEU C 22 8.07 15.05 -58.15
CA LEU C 22 9.31 14.28 -58.01
C LEU C 22 10.49 15.14 -58.43
N ILE C 23 11.43 15.34 -57.52
CA ILE C 23 12.63 16.13 -57.77
C ILE C 23 13.83 15.19 -57.71
N ARG C 24 14.63 15.20 -58.78
CA ARG C 24 15.84 14.38 -58.84
C ARG C 24 16.98 15.15 -58.17
N SER C 25 17.25 14.83 -56.91
CA SER C 25 18.32 15.46 -56.15
C SER C 25 18.94 14.43 -55.24
N ARG C 26 20.22 14.13 -55.46
CA ARG C 26 20.88 13.07 -54.68
C ARG C 26 20.94 13.45 -53.21
N LYS C 27 21.43 14.65 -52.90
CA LYS C 27 21.59 15.06 -51.51
C LYS C 27 20.26 15.08 -50.77
N VAL C 28 19.24 15.69 -51.37
CA VAL C 28 17.95 15.80 -50.69
C VAL C 28 17.30 14.43 -50.53
N GLY C 29 17.36 13.59 -51.58
CA GLY C 29 16.78 12.26 -51.46
C GLY C 29 17.45 11.45 -50.37
N LEU C 30 18.79 11.47 -50.34
CA LEU C 30 19.51 10.72 -49.31
C LEU C 30 19.21 11.26 -47.93
N MET C 31 19.13 12.59 -47.79
CA MET C 31 18.81 13.17 -46.48
C MET C 31 17.41 12.77 -46.04
N ASN C 32 16.44 12.80 -46.95
CA ASN C 32 15.08 12.41 -46.61
C ASN C 32 15.04 10.96 -46.16
N ARG C 33 15.71 10.07 -46.90
CA ARG C 33 15.72 8.66 -46.53
C ARG C 33 16.43 8.45 -45.20
N ALA C 34 17.51 9.20 -44.95
CA ALA C 34 18.21 9.08 -43.69
C ALA C 34 17.34 9.50 -42.51
N VAL C 35 16.64 10.63 -42.65
CA VAL C 35 15.77 11.09 -41.58
C VAL C 35 14.64 10.09 -41.34
N GLN C 36 14.05 9.58 -42.41
CA GLN C 36 12.99 8.59 -42.26
C GLN C 36 13.50 7.33 -41.59
N LEU C 37 14.72 6.90 -41.96
CA LEU C 37 15.31 5.72 -41.33
C LEU C 37 15.57 5.94 -39.85
N LEU C 38 16.06 7.13 -39.48
CA LEU C 38 16.25 7.43 -38.07
C LEU C 38 14.93 7.40 -37.32
N ILE C 39 13.88 7.99 -37.90
CA ILE C 39 12.59 8.02 -37.23
C ILE C 39 12.05 6.60 -37.06
N LEU C 40 12.16 5.78 -38.10
CA LEU C 40 11.69 4.40 -38.01
C LEU C 40 12.50 3.61 -36.99
N ALA C 41 13.82 3.81 -36.97
CA ALA C 41 14.66 3.13 -35.98
C ALA C 41 14.24 3.50 -34.57
N TYR C 42 14.03 4.79 -34.33
CA TYR C 42 13.49 5.21 -33.03
C TYR C 42 12.20 4.45 -32.73
N VAL C 43 11.19 4.62 -33.59
CA VAL C 43 9.85 4.13 -33.30
C VAL C 43 9.86 2.63 -33.05
N ILE C 44 10.66 1.88 -33.80
CA ILE C 44 10.69 0.43 -33.63
C ILE C 44 11.54 0.08 -32.42
N GLY C 45 12.85 0.35 -32.50
CA GLY C 45 13.75 -0.12 -31.46
C GLY C 45 13.42 0.43 -30.09
N TRP C 46 13.41 1.76 -29.96
CA TRP C 46 13.30 2.35 -28.64
C TRP C 46 11.90 2.19 -28.05
N VAL C 47 10.87 2.40 -28.87
CA VAL C 47 9.51 2.40 -28.34
C VAL C 47 8.97 0.99 -28.21
N PHE C 48 9.12 0.17 -29.26
CA PHE C 48 8.51 -1.16 -29.26
C PHE C 48 9.47 -2.21 -28.70
N VAL C 49 10.65 -2.36 -29.31
CA VAL C 49 11.54 -3.44 -28.94
C VAL C 49 12.15 -3.18 -27.56
N TRP C 50 12.61 -1.96 -27.31
CA TRP C 50 13.35 -1.65 -26.09
C TRP C 50 12.44 -1.31 -24.92
N GLU C 51 11.56 -0.33 -25.10
CA GLU C 51 10.73 0.17 -24.00
C GLU C 51 9.38 -0.53 -23.91
N LYS C 52 9.11 -1.51 -24.78
CA LYS C 52 7.87 -2.27 -24.73
C LYS C 52 6.65 -1.34 -24.76
N GLY C 53 6.55 -0.61 -25.87
CA GLY C 53 5.46 0.33 -26.07
C GLY C 53 4.16 -0.28 -26.54
N TYR C 54 4.11 -1.61 -26.65
CA TYR C 54 2.94 -2.34 -27.11
C TYR C 54 2.20 -3.03 -25.98
N GLN C 55 2.43 -2.61 -24.74
CA GLN C 55 1.97 -3.35 -23.57
C GLN C 55 1.18 -2.45 -22.63
N GLU C 56 0.23 -3.07 -21.92
CA GLU C 56 -0.47 -2.45 -20.81
C GLU C 56 0.10 -2.96 -19.50
N THR C 57 0.20 -2.07 -18.52
CA THR C 57 0.88 -2.37 -17.26
C THR C 57 -0.11 -2.40 -16.11
N ASP C 58 0.14 -3.29 -15.16
CA ASP C 58 -0.67 -3.44 -13.95
C ASP C 58 0.24 -3.57 -12.74
N SER C 59 -0.18 -2.99 -11.62
CA SER C 59 0.55 -3.07 -10.37
C SER C 59 0.16 -4.34 -9.61
N VAL C 60 1.02 -4.72 -8.67
CA VAL C 60 0.92 -6.00 -7.98
C VAL C 60 0.19 -5.81 -6.65
N VAL C 61 -0.55 -6.85 -6.25
CA VAL C 61 -1.19 -6.92 -4.95
C VAL C 61 -0.58 -8.10 -4.21
N SER C 62 0.01 -7.84 -3.04
CA SER C 62 0.84 -8.82 -2.35
C SER C 62 0.31 -9.09 -0.95
N SER C 63 0.56 -10.32 -0.48
CA SER C 63 0.35 -10.70 0.91
C SER C 63 1.60 -11.43 1.39
N VAL C 64 2.10 -11.05 2.57
CA VAL C 64 3.38 -11.52 3.08
C VAL C 64 3.17 -12.22 4.41
N THR C 65 3.89 -13.31 4.62
CA THR C 65 3.90 -14.05 5.88
C THR C 65 5.35 -14.31 6.28
N THR C 66 5.70 -13.98 7.51
CA THR C 66 7.06 -14.10 8.00
C THR C 66 7.12 -15.04 9.20
N LYS C 67 8.23 -15.78 9.32
CA LYS C 67 8.46 -16.71 10.45
C LYS C 67 9.96 -16.63 10.78
N VAL C 68 10.35 -16.70 12.05
CA VAL C 68 11.73 -16.65 12.48
C VAL C 68 12.06 -17.92 13.26
N LYS C 69 13.32 -18.34 13.17
CA LYS C 69 13.82 -19.50 13.87
C LYS C 69 15.16 -19.19 14.49
N GLY C 70 15.42 -19.77 15.65
CA GLY C 70 16.67 -19.61 16.36
C GLY C 70 16.44 -19.45 17.84
N VAL C 71 17.40 -19.93 18.63
CA VAL C 71 17.34 -19.85 20.08
C VAL C 71 18.68 -19.33 20.58
N ALA C 72 18.64 -18.36 21.50
CA ALA C 72 19.83 -17.72 22.02
C ALA C 72 19.97 -17.99 23.52
N VAL C 73 21.21 -18.01 24.00
CA VAL C 73 21.53 -18.29 25.39
C VAL C 73 22.35 -17.13 25.93
N THR C 74 21.97 -16.61 27.09
CA THR C 74 22.72 -15.55 27.76
C THR C 74 22.82 -15.87 29.24
N ASN C 75 23.97 -15.52 29.83
CA ASN C 75 24.21 -15.65 31.28
C ASN C 75 24.85 -14.35 31.74
N THR C 76 24.02 -13.40 32.13
CA THR C 76 24.46 -12.12 32.66
C THR C 76 24.17 -12.04 34.16
N SER C 77 24.71 -11.00 34.79
CA SER C 77 24.58 -10.86 36.23
C SER C 77 23.19 -10.35 36.62
N LYS C 78 22.72 -9.30 35.97
CA LYS C 78 21.46 -8.69 36.36
C LYS C 78 20.29 -9.65 36.20
N LEU C 79 20.27 -10.40 35.09
CA LEU C 79 19.10 -11.21 34.74
C LEU C 79 19.37 -12.71 34.81
N GLY C 80 20.62 -13.14 34.84
CA GLY C 80 20.94 -14.54 35.04
C GLY C 80 20.85 -15.36 33.76
N PHE C 81 21.08 -16.66 33.93
CA PHE C 81 20.94 -17.59 32.82
C PHE C 81 19.54 -17.55 32.25
N ARG C 82 19.45 -17.49 30.92
CA ARG C 82 18.15 -17.43 30.26
C ARG C 82 18.25 -18.03 28.87
N ILE C 83 17.09 -18.36 28.33
CA ILE C 83 16.93 -18.90 26.99
C ILE C 83 15.95 -18.00 26.26
N TRP C 84 16.26 -17.67 25.01
CA TRP C 84 15.43 -16.79 24.20
C TRP C 84 15.00 -17.55 22.96
N ASP C 85 13.74 -18.00 22.96
CA ASP C 85 13.13 -18.63 21.80
C ASP C 85 12.27 -17.60 21.08
N VAL C 86 11.62 -18.03 20.00
CA VAL C 86 10.92 -17.10 19.13
C VAL C 86 9.83 -16.34 19.90
N ALA C 87 9.21 -16.99 20.88
CA ALA C 87 8.16 -16.36 21.65
C ALA C 87 8.66 -15.24 22.56
N ASP C 88 9.97 -15.09 22.70
CA ASP C 88 10.56 -14.06 23.57
C ASP C 88 11.05 -12.84 22.79
N TYR C 89 11.87 -13.04 21.76
CA TYR C 89 12.59 -11.94 21.14
C TYR C 89 11.87 -11.33 19.95
N VAL C 90 10.71 -11.85 19.57
CA VAL C 90 9.87 -11.25 18.54
C VAL C 90 8.70 -10.56 19.24
N ILE C 91 8.70 -9.22 19.23
CA ILE C 91 7.70 -8.43 19.95
C ILE C 91 6.99 -7.51 18.97
N PRO C 92 5.70 -7.71 18.68
CA PRO C 92 4.79 -8.78 19.08
C PRO C 92 4.93 -10.02 18.19
N ALA C 93 4.22 -11.10 18.55
CA ALA C 93 4.41 -12.37 17.86
C ALA C 93 4.11 -12.25 16.37
N GLN C 94 3.21 -11.36 15.97
CA GLN C 94 2.80 -11.25 14.58
C GLN C 94 2.59 -9.78 14.21
N GLU C 95 3.11 -9.41 13.04
CA GLU C 95 2.94 -8.08 12.48
C GLU C 95 2.54 -8.22 11.01
N GLU C 96 2.40 -7.10 10.32
CA GLU C 96 1.99 -7.07 8.92
C GLU C 96 3.15 -6.53 8.10
N ASN C 97 3.61 -7.32 7.12
CA ASN C 97 4.73 -6.94 6.25
C ASN C 97 5.91 -6.42 7.06
N SER C 98 6.03 -6.85 8.32
CA SER C 98 7.08 -6.33 9.19
C SER C 98 7.36 -7.36 10.28
N LEU C 99 8.52 -7.20 10.91
CA LEU C 99 8.94 -8.12 11.96
C LEU C 99 10.06 -7.47 12.75
N PHE C 100 9.91 -7.42 14.07
CA PHE C 100 10.89 -6.83 14.95
C PHE C 100 11.56 -7.93 15.76
N VAL C 101 12.89 -7.98 15.69
CA VAL C 101 13.70 -8.90 16.50
C VAL C 101 14.48 -8.06 17.49
N MET C 102 14.30 -8.35 18.77
CA MET C 102 14.96 -7.59 19.83
C MET C 102 16.40 -8.07 20.00
N THR C 103 17.35 -7.13 19.94
CA THR C 103 18.76 -7.44 20.02
C THR C 103 19.45 -6.84 21.24
N ASN C 104 18.85 -5.85 21.90
CA ASN C 104 19.43 -5.25 23.09
C ASN C 104 18.27 -4.70 23.93
N VAL C 105 18.48 -4.61 25.24
CA VAL C 105 17.40 -4.32 26.15
C VAL C 105 17.93 -3.57 27.37
N ILE C 106 17.08 -2.70 27.92
CA ILE C 106 17.26 -2.12 29.25
C ILE C 106 16.02 -2.45 30.05
N LEU C 107 16.22 -2.96 31.27
CA LEU C 107 15.13 -3.45 32.11
C LEU C 107 15.03 -2.62 33.38
N THR C 108 13.80 -2.24 33.73
CA THR C 108 13.48 -1.62 35.02
C THR C 108 12.36 -2.42 35.65
N MET C 109 12.71 -3.24 36.64
CA MET C 109 11.73 -4.18 37.23
C MET C 109 11.21 -3.69 38.58
N ASN C 110 10.00 -4.13 38.94
CA ASN C 110 9.36 -3.87 40.23
C ASN C 110 9.06 -2.38 40.40
N GLN C 111 8.44 -1.78 39.40
CA GLN C 111 8.11 -0.36 39.44
C GLN C 111 6.75 -0.14 40.11
N THR C 112 6.63 0.97 40.83
CA THR C 112 5.39 1.34 41.50
C THR C 112 5.11 2.82 41.31
N GLN C 113 3.83 3.18 41.36
CA GLN C 113 3.45 4.58 41.37
C GLN C 113 3.85 5.23 42.69
N GLY C 114 4.40 6.44 42.61
CA GLY C 114 4.82 7.13 43.81
C GLY C 114 5.73 8.28 43.46
N LEU C 115 6.43 8.76 44.50
CA LEU C 115 7.36 9.88 44.38
C LEU C 115 8.77 9.37 44.52
N CYS C 116 9.65 9.82 43.64
CA CYS C 116 11.04 9.35 43.63
C CYS C 116 11.91 10.39 42.95
N PRO C 117 13.20 10.40 43.25
CA PRO C 117 14.10 11.35 42.58
C PRO C 117 14.31 11.03 41.11
N GLU C 118 14.62 12.05 40.34
CA GLU C 118 15.01 11.88 38.95
C GLU C 118 16.44 11.38 38.85
N ILE C 119 16.79 10.87 37.68
CA ILE C 119 18.17 10.42 37.45
C ILE C 119 19.09 11.63 37.42
N PRO C 120 20.23 11.60 38.11
CA PRO C 120 21.10 12.79 38.13
C PRO C 120 21.55 13.20 36.73
N ASP C 121 21.58 14.51 36.52
CA ASP C 121 22.06 15.09 35.26
C ASP C 121 22.09 16.60 35.46
N ALA C 122 22.54 17.32 34.43
CA ALA C 122 22.63 18.77 34.52
C ALA C 122 21.26 19.39 34.76
N THR C 123 20.24 18.91 34.05
CA THR C 123 18.91 19.51 34.17
C THR C 123 18.25 19.16 35.50
N THR C 124 18.32 17.89 35.90
CA THR C 124 17.58 17.46 37.09
C THR C 124 18.24 17.89 38.38
N VAL C 125 19.57 17.97 38.42
CA VAL C 125 20.26 18.33 39.66
C VAL C 125 19.79 19.71 40.10
N CYS C 126 19.47 19.82 41.39
CA CYS C 126 18.95 21.06 41.96
C CYS C 126 19.58 21.27 43.34
N LYS C 127 19.42 22.50 43.85
CA LYS C 127 19.98 22.86 45.15
C LYS C 127 18.95 23.68 45.92
N SER C 128 18.79 23.35 47.20
CA SER C 128 17.96 24.13 48.13
C SER C 128 16.50 24.18 47.72
N ASP C 129 16.05 23.27 46.86
CA ASP C 129 14.65 23.20 46.47
C ASP C 129 14.17 24.53 45.91
N ALA C 130 14.96 25.11 45.00
CA ALA C 130 14.66 26.40 44.42
C ALA C 130 14.42 26.33 42.92
N SER C 131 15.30 25.65 42.18
CA SER C 131 15.15 25.58 40.73
C SER C 131 14.04 24.64 40.30
N CYS C 132 13.54 23.79 41.20
CA CYS C 132 12.47 22.87 40.85
C CYS C 132 11.16 23.64 40.69
N THR C 133 10.43 23.30 39.63
CA THR C 133 9.12 23.89 39.35
C THR C 133 8.08 22.79 39.33
N ALA C 134 7.02 22.97 40.11
CA ALA C 134 5.98 21.96 40.21
C ALA C 134 5.14 21.92 38.94
N GLY C 135 4.77 20.71 38.53
CA GLY C 135 3.89 20.51 37.39
C GLY C 135 4.59 20.36 36.06
N SER C 136 5.91 20.57 36.01
CA SER C 136 6.62 20.49 34.74
C SER C 136 6.95 19.05 34.41
N ALA C 137 6.53 18.60 33.22
CA ALA C 137 6.81 17.23 32.80
C ALA C 137 8.30 17.00 32.64
N GLY C 138 9.02 17.96 32.06
CA GLY C 138 10.45 17.85 31.84
C GLY C 138 10.79 17.16 30.54
N THR C 139 12.09 17.12 30.25
CA THR C 139 12.56 16.51 29.01
C THR C 139 12.25 15.02 28.98
N HIS C 140 12.42 14.33 30.11
CA HIS C 140 12.22 12.88 30.13
C HIS C 140 10.78 12.51 29.80
N SER C 141 9.82 13.34 30.19
CA SER C 141 8.40 13.03 30.03
C SER C 141 8.04 11.71 30.71
N ASN C 142 8.80 11.34 31.73
CA ASN C 142 8.54 10.14 32.51
C ASN C 142 7.78 10.42 33.79
N GLY C 143 7.71 11.67 34.24
CA GLY C 143 6.98 12.02 35.44
C GLY C 143 6.68 13.49 35.46
N VAL C 144 5.87 13.88 36.45
CA VAL C 144 5.49 15.27 36.66
C VAL C 144 6.18 15.77 37.92
N SER C 145 6.94 16.85 37.78
CA SER C 145 7.71 17.37 38.90
C SER C 145 6.78 17.88 39.99
N THR C 146 7.19 17.65 41.24
CA THR C 146 6.43 18.13 42.40
C THR C 146 6.97 19.42 42.98
N GLY C 147 8.22 19.78 42.68
CA GLY C 147 8.82 20.98 43.20
C GLY C 147 9.51 20.82 44.53
N ARG C 148 9.85 19.60 44.93
CA ARG C 148 10.51 19.33 46.20
C ARG C 148 11.84 18.63 45.92
N CYS C 149 12.95 19.31 46.22
CA CYS C 149 14.25 18.68 46.08
C CYS C 149 14.38 17.50 47.04
N VAL C 150 14.88 16.38 46.50
CA VAL C 150 15.06 15.15 47.27
C VAL C 150 16.40 14.55 46.88
N ALA C 151 16.92 13.69 47.75
CA ALA C 151 18.25 13.13 47.56
C ALA C 151 18.20 11.86 46.74
N PHE C 152 18.96 11.83 45.65
CA PHE C 152 19.13 10.61 44.88
C PHE C 152 20.05 9.62 45.60
N ASN C 153 21.12 10.12 46.20
CA ASN C 153 22.03 9.30 46.99
C ASN C 153 22.74 10.22 47.98
N GLY C 154 23.74 9.67 48.68
CA GLY C 154 24.48 10.45 49.65
C GLY C 154 25.29 11.58 49.03
N SER C 155 25.53 11.52 47.72
CA SER C 155 26.38 12.50 47.05
C SER C 155 25.57 13.65 46.45
N VAL C 156 24.64 13.34 45.56
CA VAL C 156 23.94 14.35 44.78
C VAL C 156 22.46 14.34 45.13
N LYS C 157 21.80 15.46 44.83
CA LYS C 157 20.37 15.64 45.06
C LYS C 157 19.71 16.07 43.75
N THR C 158 18.52 15.53 43.49
CA THR C 158 17.81 15.79 42.25
C THR C 158 16.36 16.13 42.54
N CYS C 159 15.71 16.74 41.56
CA CYS C 159 14.32 17.12 41.70
C CYS C 159 13.42 15.89 41.75
N GLU C 160 12.35 16.00 42.54
CA GLU C 160 11.41 14.90 42.73
C GLU C 160 10.34 14.93 41.64
N VAL C 161 9.88 13.74 41.25
CA VAL C 161 8.81 13.62 40.27
C VAL C 161 7.82 12.56 40.76
N ALA C 162 6.59 12.65 40.28
CA ALA C 162 5.57 11.62 40.49
C ALA C 162 5.53 10.77 39.22
N ALA C 163 5.95 9.52 39.34
CA ALA C 163 6.03 8.64 38.19
C ALA C 163 6.02 7.19 38.67
N TRP C 164 6.19 6.26 37.74
CA TRP C 164 6.53 4.89 38.11
C TRP C 164 7.97 4.87 38.62
N CYS C 165 8.17 4.28 39.79
CA CYS C 165 9.46 4.39 40.46
C CYS C 165 10.00 3.02 40.82
N PRO C 166 11.34 2.82 40.74
CA PRO C 166 12.36 3.80 40.34
C PRO C 166 12.35 4.11 38.84
N VAL C 167 12.78 5.32 38.48
CA VAL C 167 12.73 5.74 37.08
C VAL C 167 13.78 4.98 36.27
N GLU C 168 13.52 4.91 34.97
CA GLU C 168 14.42 4.20 34.06
C GLU C 168 15.70 5.00 33.84
N ASP C 169 16.83 4.30 33.84
CA ASP C 169 18.13 4.89 33.57
C ASP C 169 18.61 4.31 32.23
N ASP C 170 18.33 5.03 31.16
CA ASP C 170 18.62 4.59 29.79
C ASP C 170 19.84 5.31 29.21
N THR C 171 20.85 5.57 30.04
CA THR C 171 22.04 6.28 29.59
C THR C 171 23.16 5.35 29.13
N HIS C 172 23.23 4.14 29.66
CA HIS C 172 24.30 3.20 29.36
C HIS C 172 23.70 2.02 28.59
N VAL C 173 23.74 2.10 27.26
CA VAL C 173 23.27 1.00 26.43
C VAL C 173 24.30 -0.13 26.45
N PRO C 174 23.91 -1.37 26.75
CA PRO C 174 24.91 -2.45 26.80
C PRO C 174 25.65 -2.61 25.49
N GLN C 175 26.93 -2.95 25.61
CA GLN C 175 27.80 -3.13 24.46
C GLN C 175 28.85 -4.20 24.76
N PRO C 176 28.91 -5.29 23.99
CA PRO C 176 28.14 -5.62 22.79
C PRO C 176 26.67 -5.92 23.06
N ALA C 177 25.87 -5.98 21.99
CA ALA C 177 24.44 -6.17 22.14
C ALA C 177 24.14 -7.38 23.02
N PHE C 178 22.92 -7.40 23.57
CA PHE C 178 22.56 -8.44 24.53
C PHE C 178 22.23 -9.74 23.83
N LEU C 179 21.39 -9.68 22.79
CA LEU C 179 21.17 -10.82 21.88
C LEU C 179 22.00 -10.62 20.62
N LYS C 180 23.30 -10.84 20.76
CA LYS C 180 24.21 -10.78 19.62
C LYS C 180 24.20 -12.07 18.83
N ALA C 181 23.60 -13.14 19.34
CA ALA C 181 23.44 -14.38 18.60
C ALA C 181 22.29 -14.32 17.60
N ALA C 182 21.49 -13.26 17.61
CA ALA C 182 20.43 -13.07 16.64
C ALA C 182 21.02 -12.93 15.25
N GLU C 183 22.33 -12.67 15.19
CA GLU C 183 23.02 -12.66 13.90
C GLU C 183 22.73 -13.93 13.12
N ASN C 184 22.52 -15.05 13.82
CA ASN C 184 22.60 -16.36 13.22
C ASN C 184 21.21 -16.94 12.98
N PHE C 185 20.16 -16.18 13.29
CA PHE C 185 18.79 -16.63 13.10
C PHE C 185 18.42 -16.58 11.63
N THR C 186 17.37 -17.30 11.28
CA THR C 186 16.90 -17.40 9.90
C THR C 186 15.47 -16.85 9.81
N LEU C 187 15.19 -16.14 8.73
CA LEU C 187 13.88 -15.59 8.45
C LEU C 187 13.32 -16.23 7.19
N LEU C 188 12.07 -16.69 7.27
CA LEU C 188 11.35 -17.24 6.12
C LEU C 188 10.30 -16.24 5.67
N VAL C 189 10.33 -15.88 4.39
CA VAL C 189 9.39 -14.94 3.80
C VAL C 189 8.56 -15.70 2.78
N LYS C 190 7.25 -15.75 2.99
CA LYS C 190 6.31 -16.32 2.03
C LYS C 190 5.50 -15.18 1.42
N ASN C 191 5.55 -15.07 0.10
CA ASN C 191 4.94 -13.96 -0.62
C ASN C 191 4.05 -14.50 -1.71
N ASN C 192 2.77 -14.13 -1.67
CA ASN C 192 1.80 -14.47 -2.69
C ASN C 192 1.34 -13.18 -3.37
N ILE C 193 1.48 -13.12 -4.68
CA ILE C 193 1.18 -11.91 -5.44
C ILE C 193 -0.05 -12.13 -6.30
N TRP C 194 -0.64 -11.03 -6.74
CA TRP C 194 -1.85 -11.05 -7.56
C TRP C 194 -1.84 -9.85 -8.47
N TYR C 195 -2.17 -10.06 -9.74
CA TYR C 195 -2.39 -8.99 -10.70
C TYR C 195 -3.86 -8.99 -11.10
N PRO C 196 -4.70 -8.15 -10.48
CA PRO C 196 -6.14 -8.22 -10.77
C PRO C 196 -6.49 -7.98 -12.23
N LYS C 197 -5.74 -7.09 -12.91
CA LYS C 197 -6.08 -6.78 -14.30
C LYS C 197 -5.98 -8.01 -15.19
N PHE C 198 -4.91 -8.77 -15.04
CA PHE C 198 -4.64 -9.94 -15.89
C PHE C 198 -5.09 -11.25 -15.26
N ASN C 199 -5.65 -11.23 -14.05
CA ASN C 199 -6.03 -12.44 -13.34
C ASN C 199 -4.86 -13.43 -13.31
N PHE C 200 -3.79 -12.99 -12.65
CA PHE C 200 -2.55 -13.76 -12.56
C PHE C 200 -2.08 -13.79 -11.12
N SER C 201 -1.80 -14.99 -10.61
CA SER C 201 -1.34 -15.18 -9.25
C SER C 201 -0.09 -16.06 -9.24
N LYS C 202 0.80 -15.78 -8.30
CA LYS C 202 1.99 -16.59 -8.11
C LYS C 202 2.50 -16.38 -6.69
N ARG C 203 3.33 -17.32 -6.24
CA ARG C 203 3.95 -17.25 -4.93
C ARG C 203 5.45 -17.44 -5.06
N ASN C 204 6.19 -16.89 -4.09
CA ASN C 204 7.64 -16.81 -4.18
C ASN C 204 8.33 -18.16 -4.01
N ILE C 205 7.61 -19.19 -3.58
CA ILE C 205 8.14 -20.55 -3.54
C ILE C 205 7.80 -21.20 -4.89
N LEU C 206 8.81 -21.36 -5.74
CA LEU C 206 8.57 -21.75 -7.11
C LEU C 206 8.15 -23.22 -7.19
N PRO C 207 7.53 -23.61 -8.31
CA PRO C 207 7.08 -25.01 -8.43
C PRO C 207 8.21 -26.03 -8.30
N ASN C 208 9.42 -25.71 -8.76
CA ASN C 208 10.52 -26.67 -8.71
C ASN C 208 11.24 -26.65 -7.37
N ILE C 209 10.82 -25.80 -6.43
CA ILE C 209 11.37 -25.80 -5.07
C ILE C 209 10.61 -26.85 -4.27
N THR C 210 11.30 -27.94 -3.92
CA THR C 210 10.69 -29.09 -3.20
C THR C 210 10.73 -28.83 -1.69
N THR C 211 10.03 -29.64 -0.91
CA THR C 211 10.00 -29.52 0.54
C THR C 211 11.32 -29.91 1.17
N THR C 212 12.01 -30.91 0.60
CA THR C 212 13.32 -31.29 1.12
C THR C 212 14.32 -30.16 0.98
N TYR C 213 14.27 -29.43 -0.14
CA TYR C 213 15.21 -28.34 -0.38
C TYR C 213 15.02 -27.22 0.64
N LEU C 214 13.77 -26.92 1.00
CA LEU C 214 13.48 -25.81 1.91
C LEU C 214 13.91 -26.09 3.34
N LYS C 215 14.23 -27.34 3.68
CA LYS C 215 14.58 -27.68 5.06
C LYS C 215 16.02 -27.32 5.42
N SER C 216 16.88 -27.04 4.43
CA SER C 216 18.29 -26.76 4.72
C SER C 216 18.88 -25.64 3.88
N CYS C 217 18.07 -24.93 3.09
CA CYS C 217 18.59 -23.91 2.20
C CYS C 217 18.64 -22.55 2.91
N ILE C 218 19.67 -21.78 2.57
CA ILE C 218 19.80 -20.39 2.97
C ILE C 218 20.02 -19.56 1.72
N TYR C 219 19.37 -18.41 1.64
CA TYR C 219 19.43 -17.61 0.43
C TYR C 219 20.87 -17.21 0.10
N ASP C 220 21.18 -17.24 -1.19
CA ASP C 220 22.48 -16.79 -1.69
C ASP C 220 22.30 -16.48 -3.17
N ALA C 221 22.53 -15.22 -3.56
CA ALA C 221 22.18 -14.78 -4.90
C ALA C 221 22.84 -15.64 -5.96
N LYS C 222 24.12 -15.98 -5.76
CA LYS C 222 24.84 -16.76 -6.77
C LYS C 222 24.42 -18.22 -6.78
N THR C 223 24.25 -18.83 -5.60
CA THR C 223 24.02 -20.27 -5.50
C THR C 223 22.55 -20.62 -5.31
N ASP C 224 21.85 -19.94 -4.39
CA ASP C 224 20.46 -20.23 -4.07
C ASP C 224 19.66 -18.94 -4.19
N PRO C 225 19.42 -18.45 -5.40
CA PRO C 225 18.71 -17.18 -5.57
C PRO C 225 17.21 -17.27 -5.36
N PHE C 226 16.66 -18.46 -5.07
CA PHE C 226 15.22 -18.62 -4.90
C PHE C 226 14.86 -19.37 -3.63
N CYS C 227 15.79 -19.49 -2.69
CA CYS C 227 15.43 -19.98 -1.36
C CYS C 227 14.90 -18.81 -0.53
N PRO C 228 13.65 -18.85 -0.07
CA PRO C 228 13.08 -17.68 0.61
C PRO C 228 13.44 -17.60 2.09
N ILE C 229 14.46 -18.35 2.51
CA ILE C 229 14.92 -18.36 3.88
C ILE C 229 16.22 -17.57 3.96
N PHE C 230 16.23 -16.52 4.77
CA PHE C 230 17.37 -15.61 4.89
C PHE C 230 17.93 -15.66 6.30
N ARG C 231 19.23 -15.44 6.40
CA ARG C 231 19.92 -15.30 7.69
C ARG C 231 20.07 -13.82 7.99
N LEU C 232 19.71 -13.42 9.21
CA LEU C 232 19.62 -11.99 9.53
C LEU C 232 20.96 -11.30 9.40
N GLY C 233 22.03 -11.93 9.90
CA GLY C 233 23.35 -11.35 9.75
C GLY C 233 23.73 -11.13 8.30
N LYS C 234 23.41 -12.11 7.45
CA LYS C 234 23.73 -11.98 6.03
C LYS C 234 22.80 -11.00 5.33
N ILE C 235 21.56 -10.83 5.81
CA ILE C 235 20.71 -9.77 5.29
C ILE C 235 21.34 -8.41 5.55
N VAL C 236 21.81 -8.19 6.79
CA VAL C 236 22.43 -6.91 7.11
C VAL C 236 23.74 -6.74 6.34
N GLU C 237 24.50 -7.83 6.17
CA GLU C 237 25.74 -7.75 5.42
C GLU C 237 25.51 -7.41 3.96
N ASN C 238 24.48 -8.00 3.35
CA ASN C 238 24.21 -7.75 1.94
C ASN C 238 23.72 -6.33 1.66
N ALA C 239 23.38 -5.57 2.70
CA ALA C 239 23.03 -4.17 2.56
C ALA C 239 24.24 -3.25 2.77
N GLY C 240 25.42 -3.82 2.97
CA GLY C 240 26.62 -3.02 3.17
C GLY C 240 26.87 -2.58 4.60
N HIS C 241 26.32 -3.29 5.57
CA HIS C 241 26.45 -2.89 6.97
C HIS C 241 26.92 -4.05 7.84
N SER C 242 26.95 -3.85 9.15
CA SER C 242 27.40 -4.86 10.11
C SER C 242 26.30 -5.12 11.12
N PHE C 243 26.02 -6.40 11.38
CA PHE C 243 24.96 -6.75 12.32
C PHE C 243 25.33 -6.39 13.75
N GLN C 244 26.58 -6.64 14.14
CA GLN C 244 26.99 -6.37 15.52
C GLN C 244 26.92 -4.89 15.85
N ASP C 245 27.41 -4.04 14.94
CA ASP C 245 27.32 -2.60 15.15
C ASP C 245 25.87 -2.14 15.15
N MET C 246 25.06 -2.66 14.23
CA MET C 246 23.68 -2.26 14.08
C MET C 246 22.78 -2.77 15.20
N ALA C 247 23.24 -3.75 15.98
CA ALA C 247 22.41 -4.38 16.99
C ALA C 247 22.46 -3.68 18.34
N VAL C 248 23.47 -2.83 18.58
CA VAL C 248 23.57 -2.15 19.85
C VAL C 248 22.43 -1.15 20.03
N GLU C 249 22.13 -0.38 18.98
CA GLU C 249 21.08 0.63 19.03
C GLU C 249 19.88 0.28 18.17
N GLY C 250 19.98 -0.73 17.31
CA GLY C 250 18.89 -1.12 16.44
C GLY C 250 18.89 -0.38 15.13
N GLY C 251 17.89 -0.69 14.32
CA GLY C 251 17.74 -0.07 13.03
C GLY C 251 16.57 -0.66 12.28
N ILE C 252 16.46 -0.31 11.01
CA ILE C 252 15.40 -0.77 10.13
C ILE C 252 16.02 -1.27 8.84
N MET C 253 15.70 -2.51 8.47
CA MET C 253 16.14 -3.12 7.22
C MET C 253 14.94 -3.43 6.35
N GLY C 254 15.04 -3.11 5.07
CA GLY C 254 14.02 -3.43 4.11
C GLY C 254 14.45 -4.63 3.27
N ILE C 255 13.59 -5.65 3.25
CA ILE C 255 13.73 -6.78 2.34
C ILE C 255 12.80 -6.50 1.17
N GLN C 256 13.37 -6.33 -0.01
CA GLN C 256 12.68 -5.78 -1.16
C GLN C 256 12.50 -6.86 -2.21
N VAL C 257 11.25 -7.21 -2.48
CA VAL C 257 10.90 -8.25 -3.45
C VAL C 257 10.39 -7.56 -4.71
N ASN C 258 11.03 -7.85 -5.84
CA ASN C 258 10.70 -7.23 -7.12
C ASN C 258 10.03 -8.26 -8.01
N TRP C 259 8.83 -7.93 -8.48
CA TRP C 259 8.06 -8.77 -9.41
C TRP C 259 7.86 -7.96 -10.69
N ASP C 260 8.85 -7.99 -11.58
CA ASP C 260 8.80 -7.30 -12.87
C ASP C 260 8.88 -8.37 -13.95
N CYS C 261 7.74 -8.93 -14.33
CA CYS C 261 7.68 -10.03 -15.27
C CYS C 261 6.72 -9.70 -16.41
N ASN C 262 7.11 -10.10 -17.62
CA ASN C 262 6.30 -9.90 -18.81
C ASN C 262 5.38 -11.10 -18.98
N LEU C 263 4.08 -10.85 -19.01
CA LEU C 263 3.10 -11.93 -19.10
C LEU C 263 2.87 -12.42 -20.52
N ASP C 264 3.51 -11.79 -21.52
CA ASP C 264 3.48 -12.34 -22.86
C ASP C 264 4.30 -13.61 -23.00
N ARG C 265 5.11 -13.95 -22.00
CA ARG C 265 5.95 -15.13 -21.99
C ARG C 265 5.36 -16.17 -21.03
N ALA C 266 6.09 -17.26 -20.83
CA ALA C 266 5.62 -18.33 -19.96
C ALA C 266 5.51 -17.82 -18.52
N ALA C 267 4.52 -18.36 -17.80
CA ALA C 267 4.32 -17.98 -16.41
C ALA C 267 5.43 -18.47 -15.50
N SER C 268 6.31 -19.35 -15.98
CA SER C 268 7.44 -19.84 -15.20
C SER C 268 8.60 -18.85 -15.15
N LEU C 269 8.53 -17.75 -15.90
CA LEU C 269 9.58 -16.74 -15.91
C LEU C 269 9.25 -15.54 -15.04
N CYS C 270 8.12 -15.54 -14.34
CA CYS C 270 7.77 -14.46 -13.42
C CYS C 270 8.36 -14.81 -12.05
N LEU C 271 9.60 -14.36 -11.84
CA LEU C 271 10.39 -14.72 -10.68
C LEU C 271 10.65 -13.52 -9.80
N PRO C 272 10.82 -13.70 -8.48
CA PRO C 272 11.14 -12.58 -7.60
C PRO C 272 12.64 -12.32 -7.48
N ARG C 273 12.97 -11.05 -7.33
CA ARG C 273 14.34 -10.62 -7.12
C ARG C 273 14.44 -9.91 -5.79
N TYR C 274 15.42 -10.30 -4.97
CA TYR C 274 15.56 -9.83 -3.60
C TYR C 274 16.70 -8.83 -3.51
N SER C 275 16.42 -7.67 -2.95
CA SER C 275 17.42 -6.67 -2.63
C SER C 275 17.20 -6.17 -1.21
N PHE C 276 18.28 -5.67 -0.61
CA PHE C 276 18.26 -5.27 0.79
C PHE C 276 18.75 -3.84 0.91
N ARG C 277 18.07 -3.05 1.74
CA ARG C 277 18.36 -1.64 1.90
C ARG C 277 18.08 -1.23 3.33
N ARG C 278 18.93 -0.38 3.88
CA ARG C 278 18.72 0.16 5.22
C ARG C 278 17.84 1.39 5.15
N LEU C 279 16.76 1.40 5.94
CA LEU C 279 15.76 2.45 5.91
C LEU C 279 15.92 3.45 7.06
N ASP C 280 17.04 3.40 7.77
CA ASP C 280 17.34 4.37 8.81
C ASP C 280 18.69 5.01 8.52
N THR C 281 18.83 6.27 8.91
CA THR C 281 19.97 7.09 8.55
C THR C 281 20.82 7.40 9.78
N ARG C 282 22.14 7.29 9.62
CA ARG C 282 23.10 7.60 10.68
C ARG C 282 23.61 9.02 10.45
N ASP C 283 23.04 9.97 11.19
CA ASP C 283 23.45 11.37 11.12
C ASP C 283 23.38 11.96 12.52
N VAL C 284 24.53 12.40 13.04
CA VAL C 284 24.62 12.93 14.39
C VAL C 284 24.48 14.45 14.42
N GLU C 285 24.05 15.06 13.31
CA GLU C 285 23.83 16.49 13.26
C GLU C 285 22.43 16.88 12.79
N HIS C 286 21.71 16.00 12.09
CA HIS C 286 20.38 16.32 11.57
C HIS C 286 19.44 15.15 11.78
N ASN C 287 19.46 14.55 12.98
CA ASN C 287 18.64 13.40 13.29
C ASN C 287 18.06 13.53 14.69
N VAL C 288 16.90 12.89 14.88
CA VAL C 288 16.25 12.82 16.18
C VAL C 288 15.77 11.38 16.39
N SER C 289 16.01 10.85 17.58
CA SER C 289 15.65 9.47 17.90
C SER C 289 16.34 8.51 16.94
N PRO C 290 17.66 8.37 17.02
CA PRO C 290 18.37 7.49 16.10
C PRO C 290 18.15 6.02 16.42
N GLY C 291 18.76 5.17 15.60
CA GLY C 291 18.61 3.73 15.78
C GLY C 291 17.15 3.31 15.66
N TYR C 292 16.72 2.45 16.56
CA TYR C 292 15.33 2.03 16.61
C TYR C 292 15.06 1.33 17.93
N ASN C 293 14.01 1.76 18.63
CA ASN C 293 13.63 1.16 19.89
C ASN C 293 12.21 1.58 20.22
N PHE C 294 11.64 0.94 21.24
CA PHE C 294 10.35 1.33 21.77
C PHE C 294 10.23 0.79 23.19
N ARG C 295 9.28 1.35 23.93
CA ARG C 295 9.04 0.99 25.32
C ARG C 295 7.69 0.29 25.46
N PHE C 296 7.69 -0.87 26.08
CA PHE C 296 6.47 -1.55 26.48
C PHE C 296 6.64 -2.01 27.93
N ALA C 297 5.53 -2.40 28.55
CA ALA C 297 5.51 -2.72 29.97
C ALA C 297 4.84 -4.06 30.21
N LYS C 298 5.27 -4.72 31.26
CA LYS C 298 4.64 -5.92 31.80
C LYS C 298 4.00 -5.56 33.14
N TYR C 299 2.72 -5.87 33.29
CA TYR C 299 1.95 -5.49 34.48
C TYR C 299 1.70 -6.72 35.34
N TYR C 300 1.97 -6.58 36.64
CA TYR C 300 1.78 -7.63 37.62
C TYR C 300 0.97 -7.08 38.77
N ARG C 301 0.77 -7.90 39.81
CA ARG C 301 0.05 -7.51 41.00
C ARG C 301 0.81 -7.98 42.23
N ASP C 302 1.01 -7.07 43.17
CA ASP C 302 1.60 -7.43 44.46
C ASP C 302 0.59 -8.20 45.31
N LEU C 303 1.10 -9.00 46.23
CA LEU C 303 0.23 -9.80 47.08
C LEU C 303 -0.79 -8.93 47.80
N ALA C 304 -0.40 -7.71 48.17
CA ALA C 304 -1.34 -6.78 48.78
C ALA C 304 -2.39 -6.27 47.79
N GLY C 305 -2.21 -6.53 46.50
CA GLY C 305 -3.15 -6.12 45.48
C GLY C 305 -2.73 -4.91 44.67
N ASN C 306 -1.63 -4.25 45.03
CA ASN C 306 -1.17 -3.11 44.27
C ASN C 306 -0.63 -3.56 42.91
N GLU C 307 -0.43 -2.58 42.03
CA GLU C 307 -0.02 -2.84 40.66
C GLU C 307 1.48 -2.59 40.51
N GLN C 308 2.19 -3.60 40.01
CA GLN C 308 3.60 -3.51 39.67
C GLN C 308 3.74 -3.40 38.16
N ARG C 309 4.93 -3.05 37.70
CA ARG C 309 5.23 -3.17 36.28
C ARG C 309 6.72 -3.31 36.06
N THR C 310 7.08 -3.97 34.96
CA THR C 310 8.44 -4.00 34.46
C THR C 310 8.48 -3.20 33.16
N LEU C 311 9.32 -2.17 33.13
CA LEU C 311 9.47 -1.34 31.94
C LEU C 311 10.63 -1.87 31.11
N ILE C 312 10.36 -2.21 29.86
CA ILE C 312 11.37 -2.72 28.93
C ILE C 312 11.56 -1.67 27.84
N LYS C 313 12.80 -1.22 27.67
CA LYS C 313 13.22 -0.46 26.50
C LYS C 313 13.93 -1.43 25.56
N ALA C 314 13.28 -1.75 24.45
CA ALA C 314 13.74 -2.80 23.54
C ALA C 314 14.41 -2.16 22.33
N TYR C 315 15.72 -2.37 22.19
CA TYR C 315 16.42 -2.07 20.96
C TYR C 315 16.45 -3.31 20.08
N GLY C 316 16.38 -3.09 18.77
CA GLY C 316 16.40 -4.21 17.85
C GLY C 316 16.26 -3.71 16.43
N ILE C 317 16.23 -4.67 15.51
CA ILE C 317 16.14 -4.40 14.09
C ILE C 317 14.75 -4.76 13.60
N ARG C 318 14.11 -3.83 12.90
CA ARG C 318 12.83 -4.06 12.25
C ARG C 318 13.09 -4.47 10.80
N PHE C 319 12.45 -5.55 10.37
CA PHE C 319 12.59 -6.07 9.02
C PHE C 319 11.27 -5.84 8.28
N ASP C 320 11.27 -4.88 7.36
CA ASP C 320 10.12 -4.58 6.54
C ASP C 320 10.23 -5.29 5.21
N ILE C 321 9.15 -5.93 4.78
CA ILE C 321 9.08 -6.60 3.49
C ILE C 321 8.36 -5.68 2.52
N ILE C 322 9.06 -5.27 1.47
CA ILE C 322 8.55 -4.33 0.49
C ILE C 322 8.43 -5.06 -0.83
N VAL C 323 7.21 -5.20 -1.32
CA VAL C 323 6.92 -5.92 -2.56
C VAL C 323 6.40 -4.91 -3.58
N PHE C 324 7.08 -4.83 -4.72
CA PHE C 324 6.69 -3.90 -5.78
C PHE C 324 6.96 -4.56 -7.12
N GLY C 325 6.37 -3.99 -8.16
CA GLY C 325 6.60 -4.44 -9.51
C GLY C 325 5.36 -4.29 -10.37
N LYS C 326 5.57 -4.34 -11.68
CA LYS C 326 4.50 -4.22 -12.65
C LYS C 326 4.60 -5.35 -13.67
N ALA C 327 3.45 -5.89 -14.05
CA ALA C 327 3.35 -6.87 -15.12
C ALA C 327 2.98 -6.18 -16.41
N GLY C 328 3.31 -6.82 -17.52
CA GLY C 328 3.02 -6.28 -18.83
C GLY C 328 2.45 -7.31 -19.78
N LYS C 329 1.38 -6.94 -20.48
CA LYS C 329 0.76 -7.80 -21.47
C LYS C 329 0.46 -6.97 -22.72
N PHE C 330 0.50 -7.61 -23.88
CA PHE C 330 0.27 -6.91 -25.13
C PHE C 330 -1.12 -6.29 -25.15
N ASP C 331 -1.20 -5.04 -25.59
CA ASP C 331 -2.46 -4.34 -25.76
C ASP C 331 -2.44 -3.60 -27.08
N ILE C 332 -3.61 -3.46 -27.70
CA ILE C 332 -3.68 -2.88 -29.04
C ILE C 332 -3.73 -1.36 -28.99
N ILE C 333 -4.23 -0.78 -27.90
CA ILE C 333 -4.40 0.68 -27.82
C ILE C 333 -3.04 1.36 -27.87
N PRO C 334 -2.09 1.04 -26.99
CA PRO C 334 -0.76 1.66 -27.10
C PRO C 334 -0.06 1.36 -28.41
N THR C 335 -0.24 0.16 -28.96
CA THR C 335 0.37 -0.17 -30.24
C THR C 335 -0.12 0.77 -31.32
N MET C 336 -1.43 0.95 -31.43
CA MET C 336 -1.99 1.84 -32.44
C MET C 336 -1.60 3.28 -32.18
N ILE C 337 -1.53 3.69 -30.92
CA ILE C 337 -1.11 5.05 -30.60
C ILE C 337 0.31 5.30 -31.09
N ASN C 338 1.22 4.35 -30.83
CA ASN C 338 2.60 4.51 -31.26
C ASN C 338 2.72 4.49 -32.77
N ILE C 339 1.95 3.62 -33.44
CA ILE C 339 1.99 3.57 -34.89
C ILE C 339 1.51 4.88 -35.50
N GLY C 340 0.41 5.42 -34.98
CA GLY C 340 -0.09 6.69 -35.47
C GLY C 340 0.88 7.83 -35.22
N SER C 341 1.51 7.84 -34.04
CA SER C 341 2.50 8.87 -33.74
C SER C 341 3.69 8.80 -34.69
N GLY C 342 4.16 7.58 -34.98
CA GLY C 342 5.24 7.45 -35.95
C GLY C 342 4.83 7.90 -37.33
N LEU C 343 3.62 7.57 -37.76
CA LEU C 343 3.13 8.02 -39.06
C LEU C 343 3.09 9.54 -39.11
N ALA C 344 2.65 10.19 -38.03
CA ALA C 344 2.65 11.64 -38.00
C ALA C 344 4.07 12.20 -38.03
N LEU C 345 4.98 11.59 -37.28
CA LEU C 345 6.36 12.07 -37.24
C LEU C 345 7.09 11.90 -38.55
N LEU C 346 6.65 10.97 -39.40
CA LEU C 346 7.33 10.78 -40.68
C LEU C 346 7.25 12.01 -41.58
N GLY C 347 6.34 12.94 -41.30
CA GLY C 347 6.24 14.17 -42.09
C GLY C 347 7.27 15.23 -41.77
N MET C 348 8.00 15.08 -40.67
CA MET C 348 9.07 16.02 -40.34
C MET C 348 10.16 15.98 -41.40
N ALA C 349 10.46 14.79 -41.92
CA ALA C 349 11.44 14.69 -42.99
C ALA C 349 10.99 15.47 -44.22
N THR C 350 9.72 15.35 -44.59
CA THR C 350 9.20 16.12 -45.72
C THR C 350 9.30 17.61 -45.45
N VAL C 351 8.97 18.04 -44.24
CA VAL C 351 9.02 19.47 -43.91
C VAL C 351 10.46 19.98 -44.05
N LEU C 352 11.41 19.28 -43.45
CA LEU C 352 12.80 19.74 -43.48
C LEU C 352 13.35 19.74 -44.91
N CYS C 353 13.05 18.69 -45.68
CA CYS C 353 13.54 18.63 -47.05
C CYS C 353 12.91 19.71 -47.91
N ASP C 354 11.63 20.02 -47.67
CA ASP C 354 11.00 21.13 -48.39
C ASP C 354 11.68 22.44 -48.06
N ILE C 355 12.01 22.66 -46.78
CA ILE C 355 12.73 23.88 -46.41
C ILE C 355 14.05 23.96 -47.16
N ILE C 356 14.82 22.86 -47.15
CA ILE C 356 16.11 22.85 -47.82
C ILE C 356 15.94 23.11 -49.31
N VAL C 357 14.95 22.49 -49.93
CA VAL C 357 14.77 22.61 -51.37
C VAL C 357 14.35 24.01 -51.77
N LEU C 358 13.47 24.62 -50.97
CA LEU C 358 12.88 25.90 -51.36
C LEU C 358 13.68 27.11 -50.88
N TYR C 359 14.63 26.93 -49.96
CA TYR C 359 15.39 28.05 -49.43
C TYR C 359 16.90 27.88 -49.46
N CYS C 360 17.42 26.72 -49.86
CA CYS C 360 18.85 26.45 -49.83
C CYS C 360 19.32 25.80 -51.13
N MET C 361 18.91 26.35 -52.26
CA MET C 361 19.39 25.88 -53.56
C MET C 361 19.40 27.03 -54.55
N LYS C 362 20.13 26.83 -55.64
CA LYS C 362 20.15 27.81 -56.72
C LYS C 362 18.88 27.73 -57.57
N LYS C 363 18.30 26.53 -57.70
CA LYS C 363 17.03 26.33 -58.46
C LYS C 363 15.86 26.37 -57.49
N ARG C 364 15.99 27.13 -56.40
CA ARG C 364 14.92 27.17 -55.36
C ARG C 364 13.70 27.91 -55.90
N LEU C 365 13.85 28.62 -57.02
CA LEU C 365 12.74 29.40 -57.66
C LEU C 365 12.06 28.52 -58.69
N TYR C 366 12.76 27.53 -59.26
CA TYR C 366 12.13 26.56 -60.16
C TYR C 366 11.25 25.60 -59.38
N TYR C 367 11.75 25.09 -58.25
CA TYR C 367 10.97 24.16 -57.45
C TYR C 367 9.80 24.85 -56.77
N ARG C 368 9.96 26.12 -56.39
CA ARG C 368 8.83 26.88 -55.85
C ARG C 368 7.73 27.02 -56.89
N GLU C 369 8.11 27.33 -58.14
CA GLU C 369 7.12 27.46 -59.20
C GLU C 369 6.44 26.12 -59.47
N LYS C 370 7.22 25.03 -59.44
CA LYS C 370 6.64 23.71 -59.74
C LYS C 370 5.70 23.24 -58.62
N LYS C 371 6.11 23.43 -57.36
CA LYS C 371 5.35 22.88 -56.25
C LYS C 371 4.07 23.67 -55.98
N TYR C 372 4.16 25.00 -56.00
CA TYR C 372 3.04 25.86 -55.63
C TYR C 372 2.37 26.39 -56.89
N LYS C 373 1.04 26.22 -56.96
CA LYS C 373 0.20 26.67 -58.10
C LYS C 373 -0.75 27.75 -57.61
N TYR C 374 -0.66 28.99 -58.10
CA TYR C 374 -1.38 30.15 -57.59
C TYR C 374 -2.72 30.29 -58.31
N VAL C 375 -3.78 30.47 -57.54
CA VAL C 375 -5.11 30.69 -58.06
C VAL C 375 -5.39 32.19 -57.95
N GLU C 376 -5.30 32.89 -59.08
CA GLU C 376 -5.50 34.34 -59.10
C GLU C 376 -6.95 34.70 -58.84
#